data_8U5W
#
_entry.id   8U5W
#
_cell.length_a   43.588
_cell.length_b   74.353
_cell.length_c   194.338
_cell.angle_alpha   90.00
_cell.angle_beta   90.00
_cell.angle_gamma   90.00
#
_symmetry.space_group_name_H-M   'P 21 21 21'
#
_entity_poly.entity_id   1
_entity_poly.type   'polypeptide(L)'
_entity_poly.pdbx_seq_one_letter_code
;GSHMTRRKQEMKRLKYEMEKIREETEEVKKEIEESKKRPQSESAKNLILIMQLLINQIRLLALQIRMLALQLQE
;
_entity_poly.pdbx_strand_id   A,B,C,D,E,F,G,H,I,J
#
# COMPACT_ATOMS: atom_id res chain seq x y z
N MET A 4 -1.35 -18.45 -17.68
CA MET A 4 -2.61 -18.27 -18.40
C MET A 4 -3.73 -19.10 -17.76
N THR A 5 -3.47 -20.39 -17.59
CA THR A 5 -4.51 -21.29 -17.09
C THR A 5 -4.86 -21.00 -15.64
N ARG A 6 -3.87 -20.67 -14.80
CA ARG A 6 -4.16 -20.36 -13.41
C ARG A 6 -5.11 -19.17 -13.30
N ARG A 7 -4.87 -18.12 -14.10
CA ARG A 7 -5.76 -16.97 -14.11
C ARG A 7 -7.19 -17.40 -14.45
N LYS A 8 -7.35 -18.30 -15.42
CA LYS A 8 -8.69 -18.77 -15.76
C LYS A 8 -9.26 -19.69 -14.69
N GLN A 9 -8.39 -20.42 -13.98
CA GLN A 9 -8.87 -21.35 -12.96
C GLN A 9 -9.59 -20.61 -11.84
N GLU A 10 -8.93 -19.62 -11.25
CA GLU A 10 -9.58 -18.83 -10.19
C GLU A 10 -10.90 -18.24 -10.69
N MET A 11 -10.93 -17.79 -11.94
CA MET A 11 -12.16 -17.26 -12.50
C MET A 11 -13.25 -18.33 -12.55
N LYS A 12 -12.87 -19.58 -12.78
CA LYS A 12 -13.86 -20.65 -12.81
C LYS A 12 -14.33 -21.02 -11.40
N ARG A 13 -13.41 -21.04 -10.44
CA ARG A 13 -13.80 -21.34 -9.06
C ARG A 13 -14.79 -20.31 -8.57
N LEU A 14 -14.49 -19.02 -8.75
CA LEU A 14 -15.37 -17.97 -8.28
C LEU A 14 -16.74 -18.06 -8.94
N LYS A 15 -16.81 -18.51 -10.20
CA LYS A 15 -18.08 -18.63 -10.88
C LYS A 15 -18.97 -19.67 -10.20
N TYR A 16 -18.36 -20.75 -9.69
CA TYR A 16 -19.15 -21.75 -8.98
C TYR A 16 -19.69 -21.18 -7.67
N GLU A 17 -18.88 -20.40 -6.96
CA GLU A 17 -19.33 -19.80 -5.71
C GLU A 17 -20.54 -18.90 -5.94
N MET A 18 -20.61 -18.23 -7.09
CA MET A 18 -21.82 -17.50 -7.44
C MET A 18 -22.98 -18.45 -7.72
N GLU A 19 -22.77 -19.39 -8.65
CA GLU A 19 -23.83 -20.31 -9.04
C GLU A 19 -24.47 -20.95 -7.82
N LYS A 20 -23.66 -21.40 -6.86
CA LYS A 20 -24.21 -21.96 -5.64
C LYS A 20 -25.08 -20.96 -4.90
N ILE A 21 -24.62 -19.70 -4.82
CA ILE A 21 -25.39 -18.67 -4.15
C ILE A 21 -26.70 -18.41 -4.90
N ARG A 22 -26.63 -18.33 -6.24
CA ARG A 22 -27.84 -18.14 -7.04
C ARG A 22 -28.86 -19.23 -6.74
N GLU A 23 -28.40 -20.48 -6.60
CA GLU A 23 -29.30 -21.57 -6.27
C GLU A 23 -30.02 -21.31 -4.95
N GLU A 24 -29.26 -21.13 -3.87
CA GLU A 24 -29.87 -20.89 -2.57
C GLU A 24 -30.87 -19.76 -2.62
N THR A 25 -30.55 -18.69 -3.35
CA THR A 25 -31.46 -17.56 -3.42
C THR A 25 -32.74 -17.92 -4.16
N GLU A 26 -32.64 -18.69 -5.25
CA GLU A 26 -33.82 -19.05 -6.02
C GLU A 26 -34.76 -19.95 -5.23
N GLU A 27 -34.22 -20.79 -4.34
CA GLU A 27 -35.08 -21.63 -3.50
C GLU A 27 -35.89 -20.78 -2.54
N VAL A 28 -35.25 -19.82 -1.89
CA VAL A 28 -35.97 -18.96 -0.95
C VAL A 28 -37.10 -18.24 -1.66
N LYS A 29 -36.86 -17.79 -2.90
CA LYS A 29 -37.92 -17.15 -3.67
C LYS A 29 -39.15 -18.04 -3.76
N LYS A 30 -38.95 -19.33 -4.03
CA LYS A 30 -40.08 -20.25 -4.10
C LYS A 30 -40.84 -20.28 -2.77
N GLU A 31 -40.12 -20.42 -1.66
CA GLU A 31 -40.77 -20.42 -0.36
C GLU A 31 -41.51 -19.11 -0.12
N ILE A 32 -40.92 -17.99 -0.56
CA ILE A 32 -41.60 -16.71 -0.45
C ILE A 32 -42.89 -16.72 -1.27
N GLU A 33 -42.83 -17.26 -2.49
CA GLU A 33 -44.02 -17.34 -3.32
C GLU A 33 -45.11 -18.16 -2.63
N GLU A 34 -44.73 -19.25 -1.95
CA GLU A 34 -45.71 -20.05 -1.24
C GLU A 34 -46.27 -19.29 -0.03
N SER A 35 -45.49 -18.37 0.54
CA SER A 35 -45.98 -17.61 1.69
C SER A 35 -47.02 -16.58 1.27
N LYS A 36 -46.88 -16.01 0.07
CA LYS A 36 -47.75 -14.92 -0.33
C LYS A 36 -49.14 -15.42 -0.70
N LYS A 37 -49.26 -16.63 -1.26
CA LYS A 37 -50.59 -17.13 -1.58
C LYS A 37 -51.42 -17.31 -0.31
N ARG A 38 -50.91 -18.05 0.65
CA ARG A 38 -51.51 -18.08 1.98
C ARG A 38 -51.46 -16.67 2.55
N PRO A 39 -52.57 -15.95 2.61
CA PRO A 39 -52.55 -14.57 3.11
C PRO A 39 -51.74 -14.45 4.40
N GLN A 40 -51.07 -13.31 4.54
CA GLN A 40 -50.19 -13.07 5.67
C GLN A 40 -50.62 -11.80 6.41
N SER A 41 -49.93 -11.50 7.50
CA SER A 41 -50.20 -10.28 8.22
C SER A 41 -49.89 -9.07 7.34
N GLU A 42 -50.34 -7.90 7.79
CA GLU A 42 -50.05 -6.67 7.06
C GLU A 42 -48.57 -6.35 7.10
N SER A 43 -47.89 -6.73 8.18
CA SER A 43 -46.45 -6.52 8.28
C SER A 43 -45.67 -7.56 7.48
N ALA A 44 -46.08 -8.82 7.58
CA ALA A 44 -45.40 -9.87 6.82
C ALA A 44 -45.45 -9.61 5.32
N LYS A 45 -46.53 -8.97 4.84
CA LYS A 45 -46.64 -8.68 3.41
C LYS A 45 -45.50 -7.79 2.95
N ASN A 46 -45.28 -6.67 3.64
CA ASN A 46 -44.21 -5.76 3.25
C ASN A 46 -42.85 -6.43 3.37
N LEU A 47 -42.66 -7.24 4.41
CA LEU A 47 -41.38 -7.95 4.55
C LEU A 47 -41.15 -8.89 3.38
N ILE A 48 -42.21 -9.54 2.90
CA ILE A 48 -42.07 -10.40 1.73
C ILE A 48 -41.70 -9.57 0.51
N LEU A 49 -42.35 -8.42 0.33
CA LEU A 49 -42.07 -7.59 -0.83
C LEU A 49 -40.63 -7.09 -0.82
N ILE A 50 -40.11 -6.75 0.36
CA ILE A 50 -38.71 -6.35 0.46
C ILE A 50 -37.80 -7.52 0.09
N MET A 51 -38.11 -8.72 0.60
CA MET A 51 -37.33 -9.90 0.24
C MET A 51 -37.33 -10.11 -1.27
N GLN A 52 -38.46 -9.85 -1.93
CA GLN A 52 -38.50 -9.94 -3.39
C GLN A 52 -37.42 -9.07 -4.02
N LEU A 53 -37.33 -7.81 -3.56
CA LEU A 53 -36.36 -6.88 -4.14
C LEU A 53 -34.93 -7.33 -3.87
N LEU A 54 -34.61 -7.62 -2.61
CA LEU A 54 -33.27 -8.09 -2.28
C LEU A 54 -32.88 -9.31 -3.12
N ILE A 55 -33.82 -10.23 -3.32
CA ILE A 55 -33.58 -11.37 -4.20
C ILE A 55 -33.24 -10.89 -5.60
N ASN A 56 -34.01 -9.92 -6.12
CA ASN A 56 -33.74 -9.40 -7.44
C ASN A 56 -32.36 -8.76 -7.53
N GLN A 57 -31.89 -8.16 -6.44
CA GLN A 57 -30.54 -7.59 -6.44
C GLN A 57 -29.49 -8.69 -6.48
N ILE A 58 -29.69 -9.77 -5.73
CA ILE A 58 -28.77 -10.90 -5.77
C ILE A 58 -28.56 -11.37 -7.20
N ARG A 59 -29.68 -11.49 -7.94
CA ARG A 59 -29.61 -12.03 -9.29
C ARG A 59 -28.89 -11.07 -10.23
N LEU A 60 -29.18 -9.77 -10.13
CA LEU A 60 -28.40 -8.78 -10.86
C LEU A 60 -26.91 -8.93 -10.55
N LEU A 61 -26.57 -9.04 -9.26
CA LEU A 61 -25.17 -9.19 -8.88
C LEU A 61 -24.57 -10.45 -9.48
N ALA A 62 -25.36 -11.51 -9.64
CA ALA A 62 -24.85 -12.72 -10.27
C ALA A 62 -24.59 -12.49 -11.75
N LEU A 63 -25.46 -11.73 -12.43
CA LEU A 63 -25.19 -11.36 -13.81
C LEU A 63 -23.90 -10.55 -13.91
N GLN A 64 -23.69 -9.64 -12.95
CA GLN A 64 -22.50 -8.79 -12.99
C GLN A 64 -21.23 -9.63 -12.88
N ILE A 65 -21.26 -10.72 -12.11
CA ILE A 65 -20.06 -11.54 -11.96
C ILE A 65 -19.77 -12.29 -13.25
N ARG A 66 -20.80 -12.75 -13.96
CA ARG A 66 -20.60 -13.35 -15.27
C ARG A 66 -20.02 -12.33 -16.24
N MET A 67 -20.45 -11.07 -16.14
CA MET A 67 -19.91 -10.02 -16.99
C MET A 67 -18.39 -9.93 -16.86
N LEU A 68 -17.91 -9.63 -15.63
CA LEU A 68 -16.47 -9.55 -15.41
C LEU A 68 -15.75 -10.79 -15.92
N ALA A 69 -16.32 -11.98 -15.66
CA ALA A 69 -15.67 -13.21 -16.07
C ALA A 69 -15.45 -13.26 -17.57
N LEU A 70 -16.43 -12.79 -18.34
CA LEU A 70 -16.23 -12.62 -19.78
C LEU A 70 -15.05 -11.70 -20.06
N GLN A 71 -15.09 -10.49 -19.50
CA GLN A 71 -14.04 -9.52 -19.77
C GLN A 71 -12.67 -10.07 -19.39
N LEU A 72 -12.59 -10.82 -18.29
CA LEU A 72 -11.32 -11.43 -17.93
C LEU A 72 -10.98 -12.59 -18.87
N GLN A 73 -12.00 -13.29 -19.39
CA GLN A 73 -11.75 -14.31 -20.40
C GLN A 73 -10.95 -13.73 -21.56
N GLU A 74 -11.28 -12.50 -21.98
CA GLU A 74 -10.58 -11.84 -23.07
C GLU A 74 -9.84 -10.60 -22.58
N GLN B 9 1.13 -2.90 -2.18
CA GLN B 9 0.70 -1.89 -1.21
C GLN B 9 -0.82 -1.77 -1.24
N GLU B 10 -1.37 -1.48 -2.42
CA GLU B 10 -2.81 -1.37 -2.56
C GLU B 10 -3.48 -2.73 -2.48
N MET B 11 -2.87 -3.76 -3.09
CA MET B 11 -3.47 -5.08 -3.13
C MET B 11 -3.65 -5.65 -1.73
N LYS B 12 -2.55 -5.73 -0.97
CA LYS B 12 -2.63 -6.26 0.40
C LYS B 12 -3.63 -5.49 1.22
N ARG B 13 -3.58 -4.15 1.17
CA ARG B 13 -4.56 -3.34 1.87
C ARG B 13 -5.98 -3.70 1.44
N LEU B 14 -6.19 -3.86 0.13
CA LEU B 14 -7.51 -4.26 -0.35
C LEU B 14 -7.86 -5.66 0.14
N LYS B 15 -6.95 -6.62 -0.03
CA LYS B 15 -7.19 -7.97 0.45
C LYS B 15 -7.35 -7.98 1.96
N TYR B 16 -6.46 -7.31 2.68
CA TYR B 16 -6.54 -7.28 4.13
C TYR B 16 -7.85 -6.66 4.60
N GLU B 17 -8.25 -5.55 3.97
CA GLU B 17 -9.53 -4.93 4.32
C GLU B 17 -10.71 -5.84 3.98
N MET B 18 -10.57 -6.65 2.92
CA MET B 18 -11.66 -7.55 2.54
C MET B 18 -11.69 -8.76 3.46
N GLU B 19 -10.57 -9.46 3.60
CA GLU B 19 -10.49 -10.57 4.56
C GLU B 19 -10.95 -10.12 5.94
N LYS B 20 -10.71 -8.86 6.30
CA LYS B 20 -11.23 -8.35 7.56
C LYS B 20 -12.75 -8.31 7.54
N ILE B 21 -13.35 -7.90 6.42
CA ILE B 21 -14.80 -7.84 6.32
C ILE B 21 -15.40 -9.24 6.46
N ARG B 22 -14.71 -10.27 5.95
CA ARG B 22 -15.21 -11.63 6.04
C ARG B 22 -15.39 -12.06 7.49
N GLU B 23 -14.60 -11.50 8.41
CA GLU B 23 -14.74 -11.82 9.83
C GLU B 23 -15.94 -11.11 10.44
N GLU B 24 -16.08 -9.81 10.20
CA GLU B 24 -17.17 -9.06 10.80
C GLU B 24 -18.52 -9.58 10.35
N THR B 25 -18.62 -10.11 9.13
CA THR B 25 -19.88 -10.71 8.70
C THR B 25 -20.09 -12.07 9.35
N GLU B 26 -19.00 -12.81 9.62
CA GLU B 26 -19.14 -14.06 10.35
C GLU B 26 -19.65 -13.81 11.77
N GLU B 27 -19.28 -12.67 12.35
CA GLU B 27 -19.84 -12.32 13.65
C GLU B 27 -21.35 -12.16 13.57
N VAL B 28 -21.85 -11.64 12.44
CA VAL B 28 -23.30 -11.51 12.25
C VAL B 28 -23.91 -12.87 12.00
N LYS B 29 -23.25 -13.72 11.19
CA LYS B 29 -23.80 -15.02 10.85
C LYS B 29 -23.97 -15.89 12.08
N LYS B 30 -23.00 -15.85 13.00
CA LYS B 30 -23.11 -16.63 14.22
C LYS B 30 -24.36 -16.26 15.01
N GLU B 31 -24.62 -14.95 15.14
CA GLU B 31 -25.80 -14.51 15.89
C GLU B 31 -27.08 -15.04 15.27
N ILE B 32 -27.17 -15.04 13.93
CA ILE B 32 -28.34 -15.62 13.26
C ILE B 32 -28.54 -17.06 13.71
N GLU B 33 -27.49 -17.86 13.56
CA GLU B 33 -27.61 -19.28 13.88
C GLU B 33 -27.96 -19.47 15.35
N GLU B 34 -27.36 -18.66 16.23
CA GLU B 34 -27.75 -18.69 17.63
C GLU B 34 -29.20 -18.24 17.79
N SER B 35 -29.58 -17.17 17.08
CA SER B 35 -30.99 -16.79 17.02
C SER B 35 -31.85 -17.98 16.63
N LYS B 36 -31.60 -18.55 15.45
CA LYS B 36 -32.43 -19.65 14.97
C LYS B 36 -32.52 -20.78 15.98
N LYS B 37 -31.48 -20.97 16.80
CA LYS B 37 -31.54 -21.96 17.85
C LYS B 37 -32.50 -21.56 18.97
N ARG B 38 -32.78 -20.26 19.11
CA ARG B 38 -33.75 -19.76 20.08
C ARG B 38 -35.14 -19.71 19.46
N PRO B 39 -36.19 -19.95 20.25
CA PRO B 39 -37.55 -19.88 19.69
C PRO B 39 -37.91 -18.43 19.37
N GLN B 40 -38.49 -18.24 18.18
CA GLN B 40 -38.80 -16.90 17.71
C GLN B 40 -40.27 -16.74 17.35
N SER B 41 -40.65 -15.48 17.17
CA SER B 41 -41.91 -15.11 16.54
C SER B 41 -41.80 -15.24 15.03
N GLU B 42 -42.96 -15.32 14.37
CA GLU B 42 -42.97 -15.37 12.91
C GLU B 42 -42.30 -14.12 12.32
N SER B 43 -42.55 -12.96 12.93
CA SER B 43 -41.92 -11.73 12.45
C SER B 43 -40.40 -11.86 12.44
N ALA B 44 -39.83 -12.45 13.49
CA ALA B 44 -38.38 -12.62 13.56
C ALA B 44 -37.86 -13.40 12.36
N LYS B 45 -38.48 -14.56 12.08
CA LYS B 45 -38.00 -15.39 10.98
C LYS B 45 -37.94 -14.60 9.68
N ASN B 46 -38.93 -13.73 9.45
CA ASN B 46 -38.89 -12.90 8.25
C ASN B 46 -37.65 -12.02 8.23
N LEU B 47 -37.28 -11.45 9.38
CA LEU B 47 -36.06 -10.67 9.47
C LEU B 47 -34.83 -11.55 9.26
N ILE B 48 -34.82 -12.75 9.84
CA ILE B 48 -33.69 -13.65 9.65
C ILE B 48 -33.50 -13.97 8.17
N LEU B 49 -34.61 -14.15 7.45
CA LEU B 49 -34.52 -14.31 5.99
C LEU B 49 -33.82 -13.12 5.35
N ILE B 50 -34.27 -11.91 5.70
CA ILE B 50 -33.67 -10.70 5.15
C ILE B 50 -32.18 -10.69 5.42
N MET B 51 -31.78 -11.01 6.64
CA MET B 51 -30.36 -11.04 6.97
C MET B 51 -29.62 -12.12 6.19
N GLN B 52 -30.29 -13.24 5.90
CA GLN B 52 -29.68 -14.25 5.05
C GLN B 52 -29.55 -13.76 3.61
N LEU B 53 -30.61 -13.14 3.07
CA LEU B 53 -30.50 -12.55 1.75
C LEU B 53 -29.42 -11.49 1.72
N LEU B 54 -29.36 -10.64 2.75
CA LEU B 54 -28.32 -9.61 2.82
C LEU B 54 -26.93 -10.23 2.81
N ILE B 55 -26.73 -11.31 3.58
CA ILE B 55 -25.41 -11.95 3.62
C ILE B 55 -25.05 -12.53 2.27
N ASN B 56 -26.02 -13.17 1.61
CA ASN B 56 -25.79 -13.66 0.25
C ASN B 56 -25.25 -12.54 -0.65
N GLN B 57 -25.85 -11.36 -0.56
CA GLN B 57 -25.33 -10.21 -1.30
C GLN B 57 -23.86 -9.97 -0.97
N ILE B 58 -23.54 -9.91 0.33
CA ILE B 58 -22.16 -9.66 0.75
C ILE B 58 -21.24 -10.72 0.17
N ARG B 59 -21.67 -11.99 0.19
CA ARG B 59 -20.86 -13.04 -0.42
C ARG B 59 -20.59 -12.74 -1.88
N LEU B 60 -21.57 -12.22 -2.61
CA LEU B 60 -21.41 -12.01 -4.04
C LEU B 60 -20.53 -10.79 -4.32
N LEU B 61 -20.74 -9.68 -3.61
CA LEU B 61 -19.82 -8.56 -3.74
C LEU B 61 -18.38 -9.00 -3.54
N ALA B 62 -18.15 -9.87 -2.55
CA ALA B 62 -16.80 -10.34 -2.28
C ALA B 62 -16.22 -11.07 -3.48
N LEU B 63 -17.03 -11.90 -4.15
CA LEU B 63 -16.53 -12.61 -5.32
C LEU B 63 -16.26 -11.65 -6.48
N GLN B 64 -17.08 -10.62 -6.63
CA GLN B 64 -16.80 -9.59 -7.62
C GLN B 64 -15.43 -8.98 -7.38
N ILE B 65 -15.13 -8.65 -6.13
CA ILE B 65 -13.84 -8.05 -5.79
C ILE B 65 -12.70 -8.93 -6.26
N ARG B 66 -12.80 -10.24 -6.03
CA ARG B 66 -11.77 -11.15 -6.53
C ARG B 66 -11.69 -11.10 -8.05
N MET B 67 -12.85 -11.07 -8.72
CA MET B 67 -12.86 -10.93 -10.18
C MET B 67 -12.11 -9.68 -10.61
N LEU B 68 -12.44 -8.54 -9.99
CA LEU B 68 -11.73 -7.29 -10.29
C LEU B 68 -10.24 -7.46 -10.05
N ALA B 69 -9.86 -8.02 -8.90
CA ALA B 69 -8.45 -8.27 -8.61
C ALA B 69 -7.83 -9.14 -9.68
N LEU B 70 -8.49 -10.25 -10.03
CA LEU B 70 -7.99 -11.13 -11.08
C LEU B 70 -7.62 -10.35 -12.33
N GLN B 71 -8.51 -9.46 -12.77
CA GLN B 71 -8.25 -8.66 -13.96
C GLN B 71 -7.02 -7.78 -13.78
N LEU B 72 -7.10 -6.82 -12.86
CA LEU B 72 -6.02 -5.84 -12.72
C LEU B 72 -4.66 -6.51 -12.55
N GLN B 73 -4.60 -7.57 -11.74
CA GLN B 73 -3.34 -8.26 -11.50
C GLN B 73 -2.65 -8.62 -12.81
N GLU B 74 -3.39 -9.19 -13.75
CA GLU B 74 -2.81 -9.64 -15.01
C GLU B 74 -3.66 -9.23 -16.20
N THR C 5 -7.74 15.95 -18.23
CA THR C 5 -7.96 17.23 -17.56
C THR C 5 -9.31 17.24 -16.85
N ARG C 6 -10.38 17.13 -17.65
CA ARG C 6 -11.72 17.01 -17.07
C ARG C 6 -11.82 15.75 -16.23
N ARG C 7 -11.25 14.64 -16.71
CA ARG C 7 -11.21 13.41 -15.92
C ARG C 7 -10.50 13.62 -14.60
N LYS C 8 -9.59 14.59 -14.53
CA LYS C 8 -8.94 14.91 -13.27
C LYS C 8 -9.91 15.64 -12.33
N GLN C 9 -10.67 16.60 -12.86
CA GLN C 9 -11.69 17.25 -12.05
C GLN C 9 -12.72 16.24 -11.54
N GLU C 10 -12.96 15.17 -12.29
CA GLU C 10 -13.90 14.14 -11.84
C GLU C 10 -13.34 13.37 -10.66
N MET C 11 -12.05 13.01 -10.70
CA MET C 11 -11.45 12.31 -9.57
C MET C 11 -11.50 13.15 -8.31
N LYS C 12 -11.26 14.46 -8.44
CA LYS C 12 -11.43 15.36 -7.31
C LYS C 12 -12.82 15.17 -6.69
N ARG C 13 -13.86 15.24 -7.51
CA ARG C 13 -15.21 15.03 -7.01
C ARG C 13 -15.35 13.64 -6.38
N LEU C 14 -14.79 12.62 -7.02
CA LEU C 14 -14.99 11.25 -6.56
C LEU C 14 -14.28 10.98 -5.24
N LYS C 15 -13.04 11.47 -5.10
CA LYS C 15 -12.33 11.28 -3.84
C LYS C 15 -13.06 11.98 -2.70
N TYR C 16 -13.38 13.26 -2.88
CA TYR C 16 -14.19 13.95 -1.88
C TYR C 16 -15.50 13.21 -1.65
N GLU C 17 -16.25 12.99 -2.74
CA GLU C 17 -17.59 12.40 -2.63
C GLU C 17 -17.58 11.21 -1.68
N MET C 18 -16.63 10.29 -1.87
CA MET C 18 -16.53 9.12 -1.00
C MET C 18 -16.41 9.52 0.46
N GLU C 19 -15.34 10.26 0.79
CA GLU C 19 -15.06 10.53 2.21
C GLU C 19 -16.23 11.21 2.89
N LYS C 20 -17.03 11.97 2.14
CA LYS C 20 -18.31 12.42 2.68
C LYS C 20 -19.21 11.23 3.00
N ILE C 21 -19.23 10.23 2.12
CA ILE C 21 -20.01 9.04 2.37
C ILE C 21 -19.46 8.29 3.58
N ARG C 22 -18.13 8.15 3.66
CA ARG C 22 -17.55 7.42 4.77
C ARG C 22 -17.86 8.08 6.11
N GLU C 23 -18.03 9.41 6.12
CA GLU C 23 -18.36 10.09 7.36
C GLU C 23 -19.79 9.79 7.80
N GLU C 24 -20.73 9.71 6.86
CA GLU C 24 -22.12 9.47 7.23
C GLU C 24 -22.31 8.06 7.79
N THR C 25 -21.70 7.05 7.17
CA THR C 25 -21.78 5.70 7.70
C THR C 25 -21.23 5.64 9.13
N GLU C 26 -20.11 6.33 9.36
CA GLU C 26 -19.60 6.48 10.72
C GLU C 26 -20.67 7.09 11.63
N GLU C 27 -21.46 8.03 11.11
CA GLU C 27 -22.52 8.63 11.92
C GLU C 27 -23.56 7.59 12.30
N VAL C 28 -23.93 6.72 11.35
CA VAL C 28 -24.85 5.62 11.67
C VAL C 28 -24.18 4.66 12.65
N LYS C 29 -22.90 4.34 12.42
CA LYS C 29 -22.19 3.46 13.32
C LYS C 29 -22.19 4.01 14.74
N LYS C 30 -22.08 5.33 14.89
CA LYS C 30 -22.15 5.93 16.22
C LYS C 30 -23.51 5.69 16.86
N GLU C 31 -24.58 5.73 16.06
CA GLU C 31 -25.91 5.51 16.60
C GLU C 31 -26.14 4.04 16.97
N ILE C 32 -25.50 3.12 16.26
CA ILE C 32 -25.66 1.71 16.57
C ILE C 32 -25.00 1.38 17.90
N GLU C 33 -23.78 1.88 18.10
CA GLU C 33 -23.07 1.63 19.36
C GLU C 33 -23.84 2.19 20.54
N GLU C 34 -24.30 3.44 20.43
CA GLU C 34 -25.10 4.03 21.49
C GLU C 34 -26.46 3.34 21.60
N SER C 35 -27.01 2.88 20.48
CA SER C 35 -28.20 2.04 20.53
C SER C 35 -27.95 0.83 21.44
N LYS C 36 -26.88 0.08 21.15
CA LYS C 36 -26.59 -1.13 21.89
C LYS C 36 -26.39 -0.89 23.38
N LYS C 37 -26.16 0.36 23.80
CA LYS C 37 -25.94 0.66 25.21
C LYS C 37 -27.22 0.68 26.03
N ARG C 38 -28.39 0.48 25.42
CA ARG C 38 -29.64 0.44 26.14
C ARG C 38 -30.34 -0.90 25.90
N PRO C 39 -31.13 -1.38 26.87
CA PRO C 39 -31.86 -2.63 26.64
C PRO C 39 -32.72 -2.53 25.40
N GLN C 40 -32.71 -3.60 24.60
CA GLN C 40 -33.34 -3.58 23.29
C GLN C 40 -34.26 -4.78 23.11
N SER C 41 -35.43 -4.51 22.54
CA SER C 41 -36.34 -5.57 22.15
C SER C 41 -35.65 -6.54 21.19
N GLU C 42 -36.20 -7.75 21.10
CA GLU C 42 -35.61 -8.75 20.21
C GLU C 42 -35.65 -8.29 18.76
N SER C 43 -36.70 -7.59 18.37
CA SER C 43 -36.79 -7.10 16.99
C SER C 43 -35.69 -6.08 16.70
N ALA C 44 -35.57 -5.06 17.56
CA ALA C 44 -34.60 -4.00 17.31
C ALA C 44 -33.18 -4.54 17.31
N LYS C 45 -32.92 -5.63 18.04
CA LYS C 45 -31.61 -6.26 17.95
C LYS C 45 -31.38 -6.84 16.56
N ASN C 46 -32.43 -7.40 15.95
CA ASN C 46 -32.32 -7.90 14.59
C ASN C 46 -32.22 -6.76 13.57
N LEU C 47 -32.90 -5.64 13.83
CA LEU C 47 -32.68 -4.44 13.04
C LEU C 47 -31.20 -4.04 13.06
N ILE C 48 -30.62 -3.94 14.26
CA ILE C 48 -29.23 -3.55 14.40
C ILE C 48 -28.34 -4.49 13.59
N LEU C 49 -28.53 -5.81 13.76
CA LEU C 49 -27.75 -6.77 13.00
C LEU C 49 -27.91 -6.54 11.51
N ILE C 50 -29.08 -6.06 11.07
CA ILE C 50 -29.29 -5.78 9.67
C ILE C 50 -28.46 -4.58 9.25
N MET C 51 -28.58 -3.45 9.96
CA MET C 51 -27.84 -2.28 9.55
C MET C 51 -26.33 -2.51 9.63
N GLN C 52 -25.88 -3.39 10.53
CA GLN C 52 -24.46 -3.76 10.54
C GLN C 52 -24.08 -4.46 9.25
N LEU C 53 -24.97 -5.30 8.72
CA LEU C 53 -24.73 -5.91 7.41
C LEU C 53 -24.66 -4.84 6.33
N LEU C 54 -25.61 -3.91 6.34
CA LEU C 54 -25.62 -2.84 5.36
C LEU C 54 -24.31 -2.07 5.38
N ILE C 55 -23.86 -1.66 6.58
CA ILE C 55 -22.58 -0.96 6.70
C ILE C 55 -21.46 -1.78 6.08
N ASN C 56 -21.45 -3.08 6.31
CA ASN C 56 -20.46 -3.93 5.68
C ASN C 56 -20.54 -3.83 4.17
N GLN C 57 -21.75 -3.93 3.61
CA GLN C 57 -21.91 -3.79 2.17
C GLN C 57 -21.31 -2.46 1.68
N ILE C 58 -21.50 -1.39 2.44
CA ILE C 58 -20.89 -0.11 2.08
C ILE C 58 -19.38 -0.25 2.00
N ARG C 59 -18.78 -0.92 2.98
CA ARG C 59 -17.34 -1.14 2.95
C ARG C 59 -16.92 -1.78 1.64
N LEU C 60 -17.67 -2.79 1.21
CA LEU C 60 -17.28 -3.56 0.02
C LEU C 60 -17.37 -2.71 -1.24
N LEU C 61 -18.44 -1.92 -1.38
CA LEU C 61 -18.57 -1.05 -2.54
C LEU C 61 -17.39 -0.09 -2.66
N ALA C 62 -17.06 0.58 -1.55
CA ALA C 62 -15.94 1.51 -1.56
C ALA C 62 -14.68 0.83 -2.06
N LEU C 63 -14.45 -0.41 -1.64
CA LEU C 63 -13.28 -1.14 -2.12
C LEU C 63 -13.35 -1.34 -3.63
N GLN C 64 -14.53 -1.74 -4.13
CA GLN C 64 -14.71 -1.86 -5.57
C GLN C 64 -14.33 -0.57 -6.27
N ILE C 65 -14.86 0.57 -5.80
CA ILE C 65 -14.51 1.86 -6.37
C ILE C 65 -12.99 2.02 -6.39
N ARG C 66 -12.37 1.86 -5.22
CA ARG C 66 -10.92 1.96 -5.14
C ARG C 66 -10.25 1.03 -6.14
N MET C 67 -10.74 -0.21 -6.24
CA MET C 67 -10.15 -1.16 -7.17
C MET C 67 -10.49 -0.81 -8.62
N LEU C 68 -11.68 -0.25 -8.86
CA LEU C 68 -11.99 0.26 -10.19
C LEU C 68 -11.10 1.44 -10.53
N ALA C 69 -10.66 2.19 -9.52
CA ALA C 69 -9.76 3.32 -9.77
C ALA C 69 -8.35 2.85 -10.07
N LEU C 70 -7.89 1.81 -9.38
CA LEU C 70 -6.56 1.27 -9.60
C LEU C 70 -6.48 0.64 -10.98
N HIS D 3 -21.33 2.82 -34.64
CA HIS D 3 -20.88 2.19 -33.41
C HIS D 3 -20.43 3.24 -32.39
N MET D 4 -19.50 4.11 -32.80
CA MET D 4 -18.93 5.09 -31.88
C MET D 4 -19.98 6.07 -31.38
N THR D 5 -20.88 6.51 -32.27
CA THR D 5 -21.90 7.47 -31.86
C THR D 5 -23.05 6.81 -31.11
N ARG D 6 -23.33 5.54 -31.40
CA ARG D 6 -24.39 4.83 -30.67
C ARG D 6 -23.92 4.45 -29.27
N ARG D 7 -22.71 3.88 -29.17
CA ARG D 7 -22.16 3.57 -27.86
C ARG D 7 -22.15 4.80 -26.97
N LYS D 8 -21.64 5.93 -27.49
CA LYS D 8 -21.60 7.16 -26.71
C LYS D 8 -22.99 7.53 -26.20
N GLN D 9 -23.96 7.58 -27.09
CA GLN D 9 -25.32 7.94 -26.67
C GLN D 9 -25.85 6.97 -25.63
N GLU D 10 -25.75 5.66 -25.90
CA GLU D 10 -26.16 4.68 -24.91
C GLU D 10 -25.43 4.93 -23.60
N MET D 11 -24.14 5.26 -23.66
CA MET D 11 -23.40 5.64 -22.46
C MET D 11 -23.97 6.91 -21.85
N LYS D 12 -24.24 7.92 -22.68
CA LYS D 12 -24.74 9.20 -22.16
C LYS D 12 -26.08 9.02 -21.47
N ARG D 13 -26.99 8.26 -22.07
N ARG D 13 -27.00 8.27 -22.07
CA ARG D 13 -28.29 8.03 -21.45
CA ARG D 13 -28.30 8.04 -21.44
C ARG D 13 -28.15 7.24 -20.15
C ARG D 13 -28.14 7.26 -20.13
N LEU D 14 -27.18 6.34 -20.08
CA LEU D 14 -26.92 5.63 -18.83
C LEU D 14 -26.54 6.60 -17.72
N LYS D 15 -25.54 7.45 -17.97
CA LYS D 15 -25.17 8.44 -16.97
C LYS D 15 -26.31 9.40 -16.70
N TYR D 16 -27.01 9.84 -17.75
CA TYR D 16 -28.14 10.75 -17.56
C TYR D 16 -29.21 10.10 -16.70
N GLU D 17 -29.72 8.94 -17.12
CA GLU D 17 -30.74 8.25 -16.33
C GLU D 17 -30.24 7.97 -14.92
N MET D 18 -28.93 7.77 -14.75
CA MET D 18 -28.37 7.63 -13.41
C MET D 18 -28.52 8.92 -12.61
N GLU D 19 -28.23 10.06 -13.25
CA GLU D 19 -28.30 11.34 -12.56
C GLU D 19 -29.71 11.65 -12.06
N LYS D 20 -30.73 11.04 -12.65
CA LYS D 20 -32.09 11.21 -12.14
C LYS D 20 -32.32 10.39 -10.88
N ILE D 21 -31.86 9.14 -10.87
CA ILE D 21 -32.05 8.28 -9.71
C ILE D 21 -31.37 8.88 -8.49
N ARG D 22 -30.22 9.52 -8.68
CA ARG D 22 -29.54 10.14 -7.55
C ARG D 22 -30.35 11.30 -6.99
N GLU D 23 -30.98 12.09 -7.86
CA GLU D 23 -31.83 13.18 -7.40
C GLU D 23 -33.04 12.65 -6.65
N GLU D 24 -33.62 11.54 -7.12
CA GLU D 24 -34.74 10.93 -6.42
C GLU D 24 -34.34 10.53 -5.01
N THR D 25 -33.19 9.85 -4.87
CA THR D 25 -32.74 9.43 -3.56
C THR D 25 -32.49 10.62 -2.64
N GLU D 26 -32.10 11.77 -3.19
CA GLU D 26 -31.84 12.95 -2.36
C GLU D 26 -33.11 13.46 -1.71
N GLU D 27 -34.20 13.53 -2.47
CA GLU D 27 -35.47 13.98 -1.90
C GLU D 27 -35.88 13.10 -0.73
N VAL D 28 -35.81 11.78 -0.90
CA VAL D 28 -36.11 10.87 0.20
C VAL D 28 -35.21 11.18 1.39
N LYS D 29 -33.94 11.49 1.13
CA LYS D 29 -33.03 11.84 2.22
C LYS D 29 -33.55 13.02 3.01
N LYS D 30 -34.14 14.00 2.33
CA LYS D 30 -34.67 15.17 3.04
C LYS D 30 -35.93 14.82 3.81
N GLU D 31 -36.80 13.99 3.24
CA GLU D 31 -37.98 13.53 3.97
C GLU D 31 -37.58 12.78 5.24
N ILE D 32 -36.63 11.85 5.11
CA ILE D 32 -36.22 11.05 6.26
C ILE D 32 -35.54 11.92 7.31
N GLU D 33 -34.80 12.94 6.89
CA GLU D 33 -34.11 13.78 7.87
C GLU D 33 -35.08 14.67 8.63
N GLU D 34 -36.17 15.10 7.99
CA GLU D 34 -37.27 15.71 8.73
C GLU D 34 -37.92 14.68 9.64
N SER D 35 -38.09 13.44 9.16
CA SER D 35 -38.56 12.36 10.01
C SER D 35 -37.55 12.06 11.12
N LYS D 36 -36.26 12.16 10.79
CA LYS D 36 -35.23 11.95 11.81
C LYS D 36 -35.32 13.00 12.90
N LYS D 37 -35.72 14.22 12.56
CA LYS D 37 -35.90 15.25 13.59
C LYS D 37 -37.09 14.95 14.47
N ARG D 38 -38.24 14.61 13.87
CA ARG D 38 -39.44 14.34 14.65
C ARG D 38 -39.20 13.16 15.60
N PRO D 39 -40.06 13.00 16.61
CA PRO D 39 -39.86 11.94 17.60
C PRO D 39 -40.52 10.64 17.19
N GLN D 40 -39.79 9.54 17.24
CA GLN D 40 -40.30 8.26 16.79
C GLN D 40 -39.74 7.15 17.66
N SER D 41 -40.43 6.00 17.65
CA SER D 41 -40.04 4.88 18.48
C SER D 41 -38.63 4.40 18.14
N GLU D 42 -38.10 3.53 19.01
CA GLU D 42 -36.79 2.95 18.75
C GLU D 42 -36.77 2.20 17.43
N SER D 43 -37.85 1.50 17.11
CA SER D 43 -37.91 0.76 15.85
C SER D 43 -37.90 1.70 14.66
N ALA D 44 -38.75 2.72 14.67
CA ALA D 44 -38.82 3.65 13.56
C ALA D 44 -37.50 4.39 13.38
N LYS D 45 -36.87 4.80 14.47
CA LYS D 45 -35.55 5.40 14.39
C LYS D 45 -34.57 4.46 13.69
N ASN D 46 -34.59 3.18 14.06
CA ASN D 46 -33.68 2.23 13.43
C ASN D 46 -34.01 2.05 11.96
N LEU D 47 -35.30 2.08 11.61
CA LEU D 47 -35.69 2.14 10.21
C LEU D 47 -35.01 3.32 9.52
N ILE D 48 -35.19 4.52 10.08
CA ILE D 48 -34.54 5.71 9.53
C ILE D 48 -33.05 5.48 9.36
N LEU D 49 -32.40 4.94 10.39
CA LEU D 49 -30.97 4.62 10.26
C LEU D 49 -30.73 3.69 9.09
N ILE D 50 -31.52 2.61 9.01
CA ILE D 50 -31.36 1.66 7.91
C ILE D 50 -31.52 2.37 6.57
N MET D 51 -32.51 3.25 6.45
CA MET D 51 -32.67 4.01 5.21
C MET D 51 -31.40 4.77 4.89
N GLN D 52 -30.82 5.45 5.88
CA GLN D 52 -29.66 6.28 5.65
C GLN D 52 -28.51 5.45 5.09
N LEU D 53 -28.35 4.22 5.54
CA LEU D 53 -27.34 3.33 4.99
C LEU D 53 -27.63 3.02 3.52
N LEU D 54 -28.88 2.63 3.23
CA LEU D 54 -29.27 2.38 1.84
C LEU D 54 -28.92 3.56 0.95
N ILE D 55 -29.23 4.79 1.41
CA ILE D 55 -28.93 5.97 0.63
C ILE D 55 -27.44 6.07 0.36
N ASN D 56 -26.63 5.88 1.41
CA ASN D 56 -25.19 6.00 1.24
C ASN D 56 -24.65 5.00 0.23
N GLN D 57 -25.19 3.78 0.22
CA GLN D 57 -24.68 2.77 -0.69
C GLN D 57 -25.32 2.87 -2.08
N ILE D 58 -26.39 3.64 -2.24
CA ILE D 58 -26.77 4.10 -3.58
C ILE D 58 -25.68 4.99 -4.14
N ARG D 59 -25.23 5.96 -3.33
CA ARG D 59 -24.22 6.92 -3.78
C ARG D 59 -22.98 6.22 -4.32
N LEU D 60 -22.59 5.12 -3.68
CA LEU D 60 -21.37 4.42 -4.10
C LEU D 60 -21.59 3.67 -5.40
N LEU D 61 -22.80 3.13 -5.61
CA LEU D 61 -23.13 2.56 -6.91
C LEU D 61 -23.06 3.65 -7.99
N ALA D 62 -23.62 4.82 -7.70
CA ALA D 62 -23.53 5.93 -8.64
C ALA D 62 -22.08 6.23 -8.99
N LEU D 63 -21.23 6.39 -7.98
CA LEU D 63 -19.81 6.58 -8.23
C LEU D 63 -19.26 5.49 -9.15
N GLN D 64 -19.61 4.23 -8.86
CA GLN D 64 -19.11 3.13 -9.67
C GLN D 64 -19.47 3.32 -11.14
N ILE D 65 -20.70 3.77 -11.42
CA ILE D 65 -21.09 4.03 -12.80
C ILE D 65 -20.25 5.17 -13.38
N ARG D 66 -20.13 6.27 -12.64
CA ARG D 66 -19.29 7.38 -13.11
C ARG D 66 -17.90 6.90 -13.47
N MET D 67 -17.32 6.03 -12.63
CA MET D 67 -16.00 5.49 -12.91
C MET D 67 -16.01 4.69 -14.20
N LEU D 68 -16.90 3.70 -14.30
CA LEU D 68 -17.00 2.91 -15.53
C LEU D 68 -17.11 3.81 -16.75
N ALA D 69 -17.92 4.87 -16.66
CA ALA D 69 -18.02 5.83 -17.75
C ALA D 69 -16.65 6.37 -18.12
N LEU D 70 -15.90 6.84 -17.12
CA LEU D 70 -14.58 7.41 -17.40
C LEU D 70 -13.62 6.36 -17.90
N GLN D 71 -13.70 5.14 -17.36
CA GLN D 71 -12.91 4.03 -17.91
C GLN D 71 -13.28 3.77 -19.36
N LEU D 72 -14.54 4.04 -19.74
CA LEU D 72 -14.94 3.96 -21.13
C LEU D 72 -14.51 5.21 -21.90
N GLN D 73 -14.66 6.39 -21.29
CA GLN D 73 -14.32 7.63 -21.97
C GLN D 73 -12.83 7.69 -22.29
N GLU D 74 -11.99 7.29 -21.34
CA GLU D 74 -10.54 7.32 -21.54
C GLU D 74 -10.04 5.97 -22.08
N THR E 5 -16.62 -15.83 -29.91
CA THR E 5 -18.00 -16.10 -30.29
C THR E 5 -18.86 -16.32 -29.06
N ARG E 6 -18.40 -17.20 -28.17
CA ARG E 6 -19.18 -17.53 -26.98
C ARG E 6 -19.35 -16.32 -26.06
N ARG E 7 -18.42 -15.35 -26.12
CA ARG E 7 -18.56 -14.16 -25.30
C ARG E 7 -19.81 -13.38 -25.68
N LYS E 8 -20.05 -13.19 -26.98
CA LYS E 8 -21.21 -12.43 -27.43
C LYS E 8 -22.51 -13.16 -27.10
N GLN E 9 -22.53 -14.48 -27.23
CA GLN E 9 -23.75 -15.24 -26.96
C GLN E 9 -24.07 -15.24 -25.48
N GLU E 10 -23.07 -15.44 -24.63
CA GLU E 10 -23.28 -15.34 -23.19
C GLU E 10 -23.70 -13.93 -22.80
N MET E 11 -23.01 -12.92 -23.36
CA MET E 11 -23.34 -11.54 -23.04
C MET E 11 -24.79 -11.22 -23.40
N LYS E 12 -25.19 -11.60 -24.61
CA LYS E 12 -26.57 -11.32 -25.05
C LYS E 12 -27.57 -11.89 -24.06
N ARG E 13 -27.38 -13.15 -23.65
CA ARG E 13 -28.31 -13.77 -22.71
C ARG E 13 -28.31 -13.04 -21.37
N LEU E 14 -27.14 -12.55 -20.94
CA LEU E 14 -27.06 -11.84 -19.66
C LEU E 14 -27.96 -10.62 -19.67
N LYS E 15 -27.77 -9.74 -20.66
CA LYS E 15 -28.61 -8.55 -20.75
C LYS E 15 -30.09 -8.90 -20.80
N TYR E 16 -30.43 -10.06 -21.36
CA TYR E 16 -31.83 -10.47 -21.45
C TYR E 16 -32.41 -10.72 -20.07
N GLU E 17 -31.75 -11.55 -19.26
CA GLU E 17 -32.23 -11.83 -17.91
C GLU E 17 -32.39 -10.53 -17.12
N MET E 18 -31.41 -9.64 -17.22
CA MET E 18 -31.47 -8.37 -16.52
C MET E 18 -32.80 -7.66 -16.75
N GLU E 19 -33.17 -7.48 -18.02
CA GLU E 19 -34.43 -6.83 -18.34
C GLU E 19 -35.59 -7.52 -17.65
N LYS E 20 -35.61 -8.86 -17.65
CA LYS E 20 -36.69 -9.59 -16.98
C LYS E 20 -36.72 -9.27 -15.50
N ILE E 21 -35.55 -9.16 -14.87
CA ILE E 21 -35.50 -8.77 -13.46
C ILE E 21 -36.11 -7.38 -13.29
N ARG E 22 -35.69 -6.43 -14.12
CA ARG E 22 -36.26 -5.09 -14.06
C ARG E 22 -37.77 -5.13 -14.22
N GLU E 23 -38.27 -5.91 -15.18
CA GLU E 23 -39.71 -6.02 -15.34
C GLU E 23 -40.34 -6.66 -14.11
N GLU E 24 -39.72 -7.71 -13.56
CA GLU E 24 -40.20 -8.28 -12.31
C GLU E 24 -40.17 -7.25 -11.19
N THR E 25 -39.24 -6.29 -11.26
CA THR E 25 -39.19 -5.23 -10.26
C THR E 25 -40.35 -4.26 -10.43
N GLU E 26 -40.82 -4.06 -11.67
CA GLU E 26 -41.94 -3.14 -11.89
C GLU E 26 -43.25 -3.69 -11.34
N GLU E 27 -43.44 -5.02 -11.39
CA GLU E 27 -44.62 -5.61 -10.79
C GLU E 27 -44.68 -5.30 -9.30
N VAL E 28 -43.51 -5.33 -8.63
CA VAL E 28 -43.43 -4.94 -7.22
C VAL E 28 -43.82 -3.47 -7.07
N LYS E 29 -43.25 -2.60 -7.91
CA LYS E 29 -43.59 -1.18 -7.85
C LYS E 29 -45.09 -0.98 -7.96
N LYS E 30 -45.75 -1.68 -8.89
CA LYS E 30 -47.19 -1.60 -9.01
C LYS E 30 -47.87 -1.98 -7.69
N GLU E 31 -47.43 -3.10 -7.10
CA GLU E 31 -47.96 -3.48 -5.79
C GLU E 31 -47.67 -2.41 -4.75
N ILE E 32 -46.46 -1.83 -4.79
CA ILE E 32 -46.15 -0.72 -3.90
C ILE E 32 -47.08 0.46 -4.17
N GLU E 33 -47.25 0.81 -5.44
CA GLU E 33 -48.18 1.88 -5.81
C GLU E 33 -49.59 1.55 -5.37
N GLU E 34 -50.12 0.41 -5.84
CA GLU E 34 -51.46 0.01 -5.44
C GLU E 34 -51.57 -0.13 -3.92
N SER E 35 -50.50 -0.60 -3.27
CA SER E 35 -50.55 -0.80 -1.82
C SER E 35 -50.69 0.50 -1.05
N LYS E 36 -50.39 1.63 -1.66
CA LYS E 36 -50.58 2.94 -1.02
C LYS E 36 -52.01 3.44 -1.11
N LYS E 37 -52.98 2.56 -0.89
CA LYS E 37 -54.40 2.93 -0.98
C LYS E 37 -54.72 4.08 -0.03
N SER E 41 -49.76 4.84 7.89
CA SER E 41 -49.11 4.74 9.19
C SER E 41 -47.60 4.79 9.04
N GLU E 42 -46.90 5.18 10.11
CA GLU E 42 -45.48 5.48 10.01
C GLU E 42 -44.68 4.25 9.58
N SER E 43 -45.05 3.07 10.08
CA SER E 43 -44.31 1.86 9.74
C SER E 43 -44.42 1.58 8.25
N ALA E 44 -45.64 1.60 7.71
CA ALA E 44 -45.84 1.33 6.29
C ALA E 44 -45.05 2.33 5.44
N LYS E 45 -45.18 3.62 5.75
CA LYS E 45 -44.48 4.64 4.97
C LYS E 45 -42.98 4.39 5.01
N ASN E 46 -42.42 4.14 6.19
CA ASN E 46 -40.99 3.90 6.29
C ASN E 46 -40.58 2.68 5.48
N LEU E 47 -41.40 1.62 5.52
CA LEU E 47 -41.09 0.42 4.75
C LEU E 47 -41.10 0.71 3.25
N ILE E 48 -42.14 1.39 2.77
CA ILE E 48 -42.26 1.62 1.34
C ILE E 48 -41.07 2.43 0.83
N LEU E 49 -40.68 3.47 1.57
CA LEU E 49 -39.48 4.22 1.20
C LEU E 49 -38.30 3.28 1.01
N ILE E 50 -38.06 2.41 1.99
CA ILE E 50 -37.00 1.41 1.88
C ILE E 50 -37.18 0.60 0.61
N MET E 51 -38.41 0.21 0.30
CA MET E 51 -38.66 -0.53 -0.93
C MET E 51 -38.34 0.33 -2.15
N GLN E 52 -38.71 1.62 -2.11
CA GLN E 52 -38.35 2.51 -3.20
C GLN E 52 -36.84 2.69 -3.29
N LEU E 53 -36.15 2.74 -2.14
CA LEU E 53 -34.70 2.82 -2.16
C LEU E 53 -34.09 1.56 -2.76
N LEU E 54 -34.55 0.38 -2.31
CA LEU E 54 -34.08 -0.87 -2.88
C LEU E 54 -34.27 -0.88 -4.39
N ILE E 55 -35.44 -0.45 -4.86
CA ILE E 55 -35.74 -0.47 -6.29
C ILE E 55 -34.78 0.44 -7.04
N ASN E 56 -34.53 1.64 -6.50
CA ASN E 56 -33.51 2.51 -7.10
C ASN E 56 -32.17 1.79 -7.20
N GLN E 57 -31.76 1.14 -6.12
CA GLN E 57 -30.52 0.37 -6.15
C GLN E 57 -30.52 -0.63 -7.30
N ILE E 58 -31.62 -1.38 -7.44
CA ILE E 58 -31.77 -2.30 -8.57
C ILE E 58 -31.59 -1.56 -9.88
N ARG E 59 -32.12 -0.33 -9.96
CA ARG E 59 -31.94 0.47 -11.16
C ARG E 59 -30.47 0.67 -11.47
N LEU E 60 -29.68 1.05 -10.46
CA LEU E 60 -28.26 1.30 -10.69
C LEU E 60 -27.53 0.02 -11.02
N LEU E 61 -27.86 -1.09 -10.34
CA LEU E 61 -27.25 -2.37 -10.68
C LEU E 61 -27.42 -2.66 -12.16
N ALA E 62 -28.60 -2.39 -12.71
CA ALA E 62 -28.86 -2.65 -14.12
C ALA E 62 -28.03 -1.72 -15.01
N LEU E 63 -28.04 -0.41 -14.71
CA LEU E 63 -27.20 0.51 -15.47
C LEU E 63 -25.74 0.03 -15.47
N GLN E 64 -25.23 -0.37 -14.30
CA GLN E 64 -23.88 -0.91 -14.22
C GLN E 64 -23.65 -2.00 -15.26
N ILE E 65 -24.54 -2.99 -15.30
CA ILE E 65 -24.36 -4.10 -16.23
C ILE E 65 -24.28 -3.58 -17.65
N ARG E 66 -25.07 -2.54 -17.96
CA ARG E 66 -25.01 -1.93 -19.28
C ARG E 66 -23.66 -1.25 -19.50
N MET E 67 -23.17 -0.52 -18.50
CA MET E 67 -21.85 0.08 -18.60
C MET E 67 -20.79 -0.99 -18.86
N LEU E 68 -20.83 -2.08 -18.10
CA LEU E 68 -19.89 -3.17 -18.30
C LEU E 68 -20.03 -3.76 -19.70
N ALA E 69 -21.27 -3.95 -20.17
CA ALA E 69 -21.47 -4.48 -21.51
C ALA E 69 -20.82 -3.58 -22.56
N LEU E 70 -20.95 -2.26 -22.41
CA LEU E 70 -20.29 -1.33 -23.31
C LEU E 70 -18.82 -1.70 -23.49
N GLN E 71 -18.12 -1.89 -22.37
CA GLN E 71 -16.70 -2.24 -22.43
C GLN E 71 -16.49 -3.57 -23.16
N LEU E 72 -17.39 -4.52 -22.98
CA LEU E 72 -17.36 -5.76 -23.74
C LEU E 72 -17.72 -5.49 -25.20
N LYS F 8 7.52 -4.13 -13.56
CA LYS F 8 8.36 -5.32 -13.48
C LYS F 8 9.63 -5.16 -14.31
N GLN F 9 9.55 -4.34 -15.36
CA GLN F 9 10.69 -4.17 -16.25
C GLN F 9 11.89 -3.56 -15.52
N GLU F 10 11.67 -2.47 -14.78
CA GLU F 10 12.77 -1.84 -14.06
C GLU F 10 13.44 -2.82 -13.11
N MET F 11 12.65 -3.69 -12.47
CA MET F 11 13.24 -4.73 -11.63
C MET F 11 14.08 -5.69 -12.46
N LYS F 12 13.61 -6.04 -13.66
CA LYS F 12 14.37 -6.92 -14.54
C LYS F 12 15.73 -6.31 -14.87
N ARG F 13 15.73 -5.03 -15.27
CA ARG F 13 16.98 -4.34 -15.54
C ARG F 13 17.83 -4.21 -14.28
N LEU F 14 17.20 -4.06 -13.12
CA LEU F 14 17.93 -3.98 -11.87
C LEU F 14 18.66 -5.29 -11.59
N LYS F 15 17.96 -6.42 -11.72
CA LYS F 15 18.58 -7.71 -11.47
C LYS F 15 19.80 -7.92 -12.36
N TYR F 16 19.71 -7.54 -13.64
CA TYR F 16 20.88 -7.59 -14.49
C TYR F 16 21.94 -6.60 -14.02
N GLU F 17 21.53 -5.37 -13.72
CA GLU F 17 22.47 -4.36 -13.25
C GLU F 17 23.27 -4.87 -12.06
N MET F 18 22.61 -5.59 -11.15
CA MET F 18 23.33 -6.20 -10.03
C MET F 18 24.30 -7.26 -10.52
N GLU F 19 23.90 -8.04 -11.53
CA GLU F 19 24.79 -9.06 -12.08
C GLU F 19 26.10 -8.43 -12.55
N LYS F 20 26.01 -7.38 -13.38
CA LYS F 20 27.22 -6.70 -13.82
C LYS F 20 27.94 -6.03 -12.66
N ILE F 21 27.18 -5.44 -11.73
CA ILE F 21 27.78 -4.72 -10.61
C ILE F 21 28.48 -5.70 -9.68
N ARG F 22 27.87 -6.87 -9.44
CA ARG F 22 28.44 -7.81 -8.48
C ARG F 22 29.83 -8.28 -8.93
N GLU F 23 30.04 -8.44 -10.23
CA GLU F 23 31.32 -8.96 -10.71
C GLU F 23 32.47 -8.04 -10.33
N GLU F 24 32.26 -6.72 -10.40
CA GLU F 24 33.34 -5.78 -10.11
C GLU F 24 33.79 -5.89 -8.66
N THR F 25 32.86 -6.06 -7.73
CA THR F 25 33.22 -6.12 -6.32
C THR F 25 34.22 -7.25 -6.05
N GLU F 26 34.00 -8.42 -6.67
CA GLU F 26 34.94 -9.52 -6.52
C GLU F 26 36.31 -9.14 -7.05
N GLU F 27 36.36 -8.42 -8.17
CA GLU F 27 37.64 -7.99 -8.73
C GLU F 27 38.45 -7.21 -7.70
N VAL F 28 37.81 -6.26 -7.01
CA VAL F 28 38.49 -5.52 -5.96
C VAL F 28 38.90 -6.47 -4.84
N LYS F 29 38.11 -7.52 -4.59
CA LYS F 29 38.47 -8.49 -3.57
C LYS F 29 39.66 -9.33 -4.01
N LYS F 30 39.77 -9.65 -5.29
CA LYS F 30 40.97 -10.31 -5.80
C LYS F 30 42.20 -9.46 -5.55
N GLU F 31 42.07 -8.15 -5.81
CA GLU F 31 43.15 -7.23 -5.46
C GLU F 31 43.37 -7.21 -3.94
N ILE F 32 42.30 -7.26 -3.16
CA ILE F 32 42.44 -7.26 -1.71
C ILE F 32 43.02 -8.58 -1.23
N GLU F 33 42.63 -9.69 -1.86
CA GLU F 33 43.32 -10.95 -1.63
C GLU F 33 44.73 -10.89 -2.17
N GLU F 34 44.93 -10.23 -3.32
CA GLU F 34 46.28 -10.03 -3.83
C GLU F 34 47.10 -9.16 -2.88
N SER F 35 46.49 -8.12 -2.31
CA SER F 35 47.20 -7.29 -1.35
C SER F 35 47.57 -8.09 -0.10
N LYS F 36 46.77 -9.11 0.22
CA LYS F 36 47.16 -10.05 1.27
C LYS F 36 48.35 -10.91 0.87
N LYS F 37 48.70 -10.94 -0.42
CA LYS F 37 49.82 -11.75 -0.87
C LYS F 37 51.16 -11.17 -0.46
N ARG F 38 51.23 -9.87 -0.16
CA ARG F 38 52.49 -9.24 0.17
C ARG F 38 52.44 -8.66 1.57
N PRO F 39 53.59 -8.54 2.25
CA PRO F 39 53.61 -7.84 3.53
C PRO F 39 53.35 -6.36 3.30
N GLN F 40 52.81 -5.70 4.32
CA GLN F 40 52.38 -4.31 4.16
C GLN F 40 52.59 -3.55 5.46
N SER F 41 52.38 -2.23 5.38
CA SER F 41 52.56 -1.35 6.52
C SER F 41 51.28 -1.27 7.35
N GLU F 42 51.34 -0.50 8.44
CA GLU F 42 50.19 -0.37 9.32
C GLU F 42 49.03 0.33 8.61
N SER F 43 49.33 1.43 7.91
CA SER F 43 48.28 2.12 7.16
C SER F 43 47.66 1.19 6.12
N ALA F 44 48.48 0.35 5.49
CA ALA F 44 47.94 -0.63 4.56
C ALA F 44 46.90 -1.52 5.23
N LYS F 45 47.26 -2.12 6.37
CA LYS F 45 46.32 -2.95 7.11
C LYS F 45 44.99 -2.23 7.31
N ASN F 46 45.02 -1.11 8.02
CA ASN F 46 43.78 -0.43 8.36
C ASN F 46 43.05 0.04 7.10
N LEU F 47 43.79 0.47 6.08
CA LEU F 47 43.16 0.75 4.79
C LEU F 47 42.46 -0.49 4.25
N ILE F 48 43.18 -1.62 4.25
CA ILE F 48 42.57 -2.88 3.79
C ILE F 48 41.37 -3.23 4.66
N LEU F 49 41.50 -3.05 5.98
CA LEU F 49 40.36 -3.29 6.88
C LEU F 49 39.12 -2.56 6.38
N ILE F 50 39.28 -1.28 6.05
CA ILE F 50 38.15 -0.47 5.58
C ILE F 50 37.60 -1.06 4.28
N MET F 51 38.48 -1.51 3.39
CA MET F 51 38.00 -2.17 2.17
C MET F 51 37.14 -3.37 2.53
N GLN F 52 37.64 -4.25 3.38
CA GLN F 52 36.88 -5.43 3.78
C GLN F 52 35.51 -5.04 4.33
N LEU F 53 35.47 -4.15 5.31
CA LEU F 53 34.20 -3.61 5.77
C LEU F 53 33.39 -3.07 4.61
N LEU F 54 34.02 -2.25 3.76
CA LEU F 54 33.31 -1.63 2.65
C LEU F 54 32.74 -2.70 1.72
N ILE F 55 33.54 -3.70 1.36
CA ILE F 55 33.04 -4.78 0.53
C ILE F 55 31.87 -5.48 1.20
N ASN F 56 32.03 -5.80 2.50
CA ASN F 56 30.93 -6.38 3.26
C ASN F 56 29.67 -5.57 3.09
N GLN F 57 29.75 -4.27 3.36
CA GLN F 57 28.58 -3.40 3.22
C GLN F 57 27.98 -3.49 1.82
N ILE F 58 28.76 -3.89 0.81
CA ILE F 58 28.21 -4.07 -0.52
C ILE F 58 27.33 -5.31 -0.58
N ARG F 59 27.71 -6.36 0.15
CA ARG F 59 26.93 -7.59 0.14
C ARG F 59 25.56 -7.38 0.81
N LEU F 60 25.55 -6.74 1.98
CA LEU F 60 24.30 -6.54 2.70
C LEU F 60 23.31 -5.74 1.87
N LEU F 61 23.77 -4.69 1.18
CA LEU F 61 22.87 -3.85 0.40
C LEU F 61 22.21 -4.64 -0.73
N ALA F 62 22.89 -5.67 -1.25
CA ALA F 62 22.29 -6.49 -2.30
C ALA F 62 21.12 -7.30 -1.75
N LEU F 63 21.32 -7.95 -0.60
CA LEU F 63 20.23 -8.66 0.04
C LEU F 63 18.99 -7.76 0.14
N GLN F 64 19.19 -6.49 0.49
CA GLN F 64 18.08 -5.55 0.55
C GLN F 64 17.37 -5.43 -0.79
N ILE F 65 18.13 -5.32 -1.88
CA ILE F 65 17.49 -5.20 -3.20
C ILE F 65 16.62 -6.42 -3.47
N ARG F 66 17.14 -7.62 -3.17
CA ARG F 66 16.35 -8.83 -3.30
C ARG F 66 15.08 -8.73 -2.45
N MET F 67 15.21 -8.23 -1.22
CA MET F 67 14.05 -8.11 -0.34
C MET F 67 12.99 -7.21 -0.95
N LEU F 68 13.41 -6.15 -1.63
CA LEU F 68 12.47 -5.38 -2.45
C LEU F 68 11.94 -6.25 -3.58
N ALA F 69 12.82 -6.99 -4.25
CA ALA F 69 12.40 -7.85 -5.35
C ALA F 69 11.37 -8.87 -4.86
N LEU F 70 11.55 -9.40 -3.66
CA LEU F 70 10.52 -10.26 -3.07
C LEU F 70 9.20 -9.52 -2.97
N GLN F 71 9.24 -8.28 -2.46
CA GLN F 71 8.02 -7.49 -2.39
C GLN F 71 7.44 -7.22 -3.77
N LEU F 72 8.29 -7.07 -4.78
CA LEU F 72 7.79 -6.92 -6.14
C LEU F 72 7.23 -8.24 -6.66
N GLN F 73 7.82 -9.36 -6.26
CA GLN F 73 7.33 -10.66 -6.69
C GLN F 73 5.90 -10.90 -6.20
N GLU F 74 5.68 -10.75 -4.90
CA GLU F 74 4.37 -11.01 -4.31
C GLU F 74 3.58 -9.72 -4.12
N THR G 5 -0.19 15.53 -8.61
CA THR G 5 0.63 16.70 -8.87
C THR G 5 1.79 16.76 -7.89
N ARG G 6 1.47 16.88 -6.60
CA ARG G 6 2.50 16.84 -5.57
C ARG G 6 3.35 15.58 -5.71
N ARG G 7 2.71 14.42 -5.68
CA ARG G 7 3.42 13.18 -5.95
C ARG G 7 4.03 13.19 -7.34
N LYS G 8 3.28 13.67 -8.34
CA LYS G 8 3.77 13.67 -9.71
C LYS G 8 5.05 14.48 -9.84
N GLN G 9 5.06 15.71 -9.32
CA GLN G 9 6.24 16.56 -9.48
C GLN G 9 7.32 16.25 -8.47
N GLU G 10 6.95 15.75 -7.28
CA GLU G 10 7.97 15.26 -6.37
C GLU G 10 8.55 13.94 -6.87
N MET G 11 7.76 13.12 -7.57
CA MET G 11 8.32 11.94 -8.23
C MET G 11 9.29 12.35 -9.32
N LYS G 12 8.96 13.38 -10.09
CA LYS G 12 9.87 13.88 -11.12
C LYS G 12 11.07 14.57 -10.50
N ARG G 13 10.86 15.28 -9.38
CA ARG G 13 11.97 15.95 -8.71
C ARG G 13 13.00 14.96 -8.20
N LEU G 14 12.53 13.83 -7.65
CA LEU G 14 13.46 12.80 -7.18
C LEU G 14 14.26 12.24 -8.34
N LYS G 15 13.58 11.74 -9.37
CA LYS G 15 14.28 11.14 -10.51
C LYS G 15 15.27 12.11 -11.13
N TYR G 16 14.88 13.38 -11.26
CA TYR G 16 15.82 14.37 -11.79
C TYR G 16 17.01 14.53 -10.87
N GLU G 17 16.76 14.76 -9.58
CA GLU G 17 17.84 14.85 -8.61
C GLU G 17 18.72 13.61 -8.67
N MET G 18 18.12 12.43 -8.79
CA MET G 18 18.87 11.20 -8.87
C MET G 18 19.78 11.18 -10.09
N GLU G 19 19.27 11.64 -11.24
CA GLU G 19 20.09 11.69 -12.44
C GLU G 19 21.26 12.64 -12.27
N LYS G 20 21.02 13.79 -11.62
CA LYS G 20 22.11 14.74 -11.41
C LYS G 20 23.22 14.14 -10.57
N ILE G 21 22.86 13.35 -9.55
CA ILE G 21 23.87 12.62 -8.79
C ILE G 21 24.70 11.75 -9.73
N ARG G 22 24.03 11.01 -10.60
CA ARG G 22 24.73 10.11 -11.52
C ARG G 22 25.76 10.86 -12.34
N GLU G 23 25.40 12.03 -12.87
CA GLU G 23 26.36 12.82 -13.64
C GLU G 23 27.53 13.24 -12.77
N GLU G 24 27.27 13.58 -11.50
CA GLU G 24 28.33 13.98 -10.60
C GLU G 24 29.28 12.82 -10.33
N THR G 25 28.73 11.65 -10.02
CA THR G 25 29.58 10.47 -9.80
C THR G 25 30.40 10.15 -11.04
N GLU G 26 29.80 10.29 -12.22
CA GLU G 26 30.55 10.08 -13.46
C GLU G 26 31.72 11.03 -13.55
N GLU G 27 31.46 12.34 -13.42
CA GLU G 27 32.54 13.32 -13.37
C GLU G 27 33.60 12.89 -12.36
N VAL G 28 33.16 12.49 -11.16
CA VAL G 28 34.09 11.94 -10.18
C VAL G 28 34.81 10.74 -10.76
N LYS G 29 34.06 9.79 -11.32
CA LYS G 29 34.67 8.58 -11.85
C LYS G 29 35.70 8.90 -12.92
N LYS G 30 35.48 9.97 -13.70
CA LYS G 30 36.45 10.33 -14.72
C LYS G 30 37.76 10.81 -14.09
N GLU G 31 37.68 11.64 -13.06
CA GLU G 31 38.89 12.11 -12.39
C GLU G 31 39.67 10.95 -11.76
N ILE G 32 38.98 9.86 -11.41
CA ILE G 32 39.68 8.68 -10.91
C ILE G 32 40.54 8.06 -12.01
N GLU G 33 39.99 7.97 -13.23
CA GLU G 33 40.75 7.40 -14.34
C GLU G 33 42.04 8.17 -14.56
N GLU G 34 41.97 9.50 -14.54
CA GLU G 34 43.19 10.30 -14.65
C GLU G 34 44.11 10.06 -13.45
N SER G 35 43.53 10.00 -12.25
CA SER G 35 44.33 9.67 -11.07
C SER G 35 45.06 8.36 -11.26
N LYS G 36 44.39 7.35 -11.83
CA LYS G 36 45.01 6.06 -12.06
C LYS G 36 46.08 6.12 -13.14
N LYS G 37 46.09 7.17 -13.96
CA LYS G 37 47.02 7.26 -15.08
C LYS G 37 48.32 7.97 -14.72
N ARG G 38 48.47 8.43 -13.48
CA ARG G 38 49.72 8.98 -13.01
C ARG G 38 50.45 7.95 -12.17
N PRO G 39 51.77 8.07 -12.02
CA PRO G 39 52.47 7.22 -11.05
C PRO G 39 51.81 7.32 -9.69
N GLN G 40 51.44 6.15 -9.15
CA GLN G 40 50.65 6.10 -7.93
C GLN G 40 51.46 5.45 -6.81
N SER G 41 51.22 5.93 -5.59
CA SER G 41 51.83 5.32 -4.42
C SER G 41 51.20 3.97 -4.13
N GLU G 42 51.88 3.18 -3.30
CA GLU G 42 51.33 1.89 -2.88
C GLU G 42 50.02 2.07 -2.15
N SER G 43 49.85 3.19 -1.45
CA SER G 43 48.60 3.46 -0.74
C SER G 43 47.53 3.99 -1.68
N ALA G 44 47.90 4.91 -2.57
CA ALA G 44 46.93 5.50 -3.49
C ALA G 44 46.18 4.41 -4.25
N LYS G 45 46.90 3.35 -4.64
CA LYS G 45 46.22 2.21 -5.25
C LYS G 45 45.09 1.71 -4.36
N ASN G 46 45.36 1.56 -3.07
CA ASN G 46 44.33 1.10 -2.14
C ASN G 46 43.19 2.09 -2.06
N LEU G 47 43.49 3.39 -2.08
CA LEU G 47 42.43 4.40 -2.06
C LEU G 47 41.51 4.26 -3.27
N ILE G 48 42.08 4.23 -4.47
CA ILE G 48 41.24 4.13 -5.66
C ILE G 48 40.34 2.90 -5.57
N LEU G 49 40.89 1.78 -5.10
CA LEU G 49 40.08 0.61 -4.84
C LEU G 49 38.90 0.95 -3.94
N ILE G 50 39.18 1.62 -2.82
CA ILE G 50 38.11 2.12 -1.95
C ILE G 50 37.16 2.99 -2.75
N MET G 51 37.70 3.91 -3.54
CA MET G 51 36.85 4.72 -4.41
C MET G 51 36.04 3.84 -5.35
N GLN G 52 36.67 2.79 -5.90
CA GLN G 52 35.93 1.83 -6.69
C GLN G 52 34.80 1.22 -5.87
N LEU G 53 35.10 0.80 -4.65
CA LEU G 53 34.08 0.24 -3.77
C LEU G 53 32.98 1.27 -3.51
N LEU G 54 33.37 2.51 -3.19
CA LEU G 54 32.39 3.56 -2.96
C LEU G 54 31.50 3.75 -4.18
N ILE G 55 32.11 3.88 -5.37
CA ILE G 55 31.32 3.99 -6.60
C ILE G 55 30.39 2.80 -6.73
N ASN G 56 30.89 1.59 -6.45
CA ASN G 56 30.04 0.41 -6.43
C ASN G 56 28.83 0.64 -5.53
N GLN G 57 29.04 1.16 -4.33
CA GLN G 57 27.95 1.34 -3.39
C GLN G 57 26.88 2.27 -3.94
N ILE G 58 27.28 3.42 -4.48
CA ILE G 58 26.32 4.38 -5.00
C ILE G 58 25.45 3.73 -6.08
N ARG G 59 26.06 2.90 -6.93
CA ARG G 59 25.29 2.17 -7.93
C ARG G 59 24.15 1.40 -7.28
N LEU G 60 24.47 0.57 -6.29
CA LEU G 60 23.45 -0.23 -5.63
C LEU G 60 22.36 0.65 -5.02
N LEU G 61 22.74 1.82 -4.50
CA LEU G 61 21.75 2.74 -3.94
C LEU G 61 20.75 3.16 -5.01
N ALA G 62 21.24 3.52 -6.20
CA ALA G 62 20.37 3.91 -7.29
C ALA G 62 19.37 2.80 -7.61
N LEU G 63 19.86 1.56 -7.71
CA LEU G 63 18.96 0.44 -7.96
C LEU G 63 17.90 0.32 -6.87
N GLN G 64 18.29 0.56 -5.62
CA GLN G 64 17.33 0.51 -4.53
C GLN G 64 16.23 1.53 -4.69
N ILE G 65 16.57 2.74 -5.16
CA ILE G 65 15.55 3.78 -5.31
C ILE G 65 14.62 3.46 -6.48
N ARG G 66 15.17 2.91 -7.57
CA ARG G 66 14.33 2.49 -8.68
C ARG G 66 13.37 1.39 -8.25
N MET G 67 13.83 0.48 -7.39
CA MET G 67 12.94 -0.50 -6.79
C MET G 67 11.76 0.19 -6.10
N LEU G 68 12.06 1.15 -5.22
CA LEU G 68 11.01 1.84 -4.49
C LEU G 68 10.12 2.63 -5.43
N ALA G 69 10.71 3.31 -6.42
CA ALA G 69 9.91 4.00 -7.43
C ALA G 69 8.99 3.01 -8.15
N LEU G 70 9.55 1.88 -8.58
CA LEU G 70 8.74 0.81 -9.14
C LEU G 70 7.66 0.38 -8.14
N GLN G 71 8.07 -0.01 -6.95
CA GLN G 71 7.12 -0.40 -5.92
C GLN G 71 6.09 0.69 -5.63
N LEU G 72 6.39 1.93 -5.99
CA LEU G 72 5.44 3.03 -5.80
C LEU G 72 4.40 3.06 -6.90
N ARG H 7 1.53 9.95 12.75
CA ARG H 7 2.02 9.91 11.38
C ARG H 7 2.52 11.28 10.92
N LYS H 8 1.61 12.27 10.93
CA LYS H 8 1.99 13.62 10.55
C LYS H 8 3.12 14.14 11.45
N GLN H 9 2.98 13.95 12.76
CA GLN H 9 3.93 14.53 13.70
C GLN H 9 5.33 13.97 13.49
N GLU H 10 5.47 12.65 13.59
CA GLU H 10 6.79 12.04 13.43
C GLU H 10 7.35 12.31 12.03
N MET H 11 6.52 12.11 11.00
CA MET H 11 6.97 12.41 9.65
C MET H 11 7.35 13.88 9.52
N LYS H 12 6.50 14.77 10.04
CA LYS H 12 6.83 16.19 10.03
C LYS H 12 8.16 16.45 10.73
N ARG H 13 8.42 15.73 11.83
CA ARG H 13 9.68 15.90 12.55
C ARG H 13 10.84 15.29 11.78
N LEU H 14 10.60 14.14 11.13
CA LEU H 14 11.68 13.47 10.39
C LEU H 14 12.15 14.34 9.23
N LYS H 15 11.22 14.89 8.45
CA LYS H 15 11.59 15.79 7.36
C LYS H 15 12.44 16.93 7.89
N TYR H 16 12.02 17.55 8.98
CA TYR H 16 12.85 18.58 9.61
C TYR H 16 14.17 17.99 10.10
N GLU H 17 14.19 16.70 10.46
CA GLU H 17 15.43 16.07 10.89
C GLU H 17 16.35 15.79 9.71
N MET H 18 15.79 15.28 8.60
CA MET H 18 16.61 14.99 7.44
C MET H 18 17.09 16.26 6.75
N GLU H 19 16.26 17.30 6.73
CA GLU H 19 16.65 18.54 6.07
C GLU H 19 17.89 19.14 6.71
N LYS H 20 18.03 19.01 8.02
CA LYS H 20 19.23 19.52 8.69
C LYS H 20 20.48 18.80 8.22
N ILE H 21 20.41 17.47 8.10
CA ILE H 21 21.55 16.70 7.63
C ILE H 21 21.96 17.15 6.24
N ARG H 22 20.98 17.28 5.34
CA ARG H 22 21.28 17.65 3.95
C ARG H 22 22.02 18.98 3.89
N GLU H 23 21.64 19.94 4.73
CA GLU H 23 22.33 21.22 4.74
C GLU H 23 23.78 21.05 5.12
N GLU H 24 24.06 20.30 6.20
CA GLU H 24 25.42 20.13 6.66
C GLU H 24 26.31 19.57 5.56
N THR H 25 25.85 18.54 4.85
CA THR H 25 26.66 17.96 3.80
C THR H 25 26.87 18.93 2.65
N GLU H 26 25.85 19.75 2.35
CA GLU H 26 26.02 20.76 1.31
C GLU H 26 27.12 21.75 1.70
N GLU H 27 27.17 22.13 2.97
CA GLU H 27 28.26 22.99 3.44
C GLU H 27 29.62 22.37 3.10
N VAL H 28 29.77 21.07 3.39
CA VAL H 28 31.02 20.40 3.08
C VAL H 28 31.29 20.42 1.58
N LYS H 29 30.24 20.30 0.77
CA LYS H 29 30.40 20.40 -0.67
C LYS H 29 30.99 21.74 -1.07
N LYS H 30 30.53 22.82 -0.43
CA LYS H 30 31.09 24.15 -0.70
C LYS H 30 32.55 24.21 -0.28
N GLU H 31 32.82 23.96 1.01
CA GLU H 31 34.19 23.96 1.49
C GLU H 31 35.08 23.09 0.63
N ILE H 32 34.56 21.92 0.22
CA ILE H 32 35.32 21.04 -0.67
C ILE H 32 35.64 21.76 -1.97
N GLU H 33 34.68 22.52 -2.51
CA GLU H 33 34.91 23.20 -3.77
C GLU H 33 36.05 24.21 -3.67
N GLU H 34 36.22 24.85 -2.51
CA GLU H 34 37.35 25.74 -2.32
C GLU H 34 38.66 24.97 -2.29
N SER H 35 38.69 23.85 -1.56
CA SER H 35 39.88 23.01 -1.50
C SER H 35 40.32 22.61 -2.91
N LYS H 36 39.39 22.13 -3.72
CA LYS H 36 39.71 21.74 -5.09
C LYS H 36 40.25 22.92 -5.88
N LYS H 37 39.77 24.13 -5.61
CA LYS H 37 40.22 25.30 -6.35
C LYS H 37 41.73 25.50 -6.21
N ARG H 38 42.26 25.27 -5.02
CA ARG H 38 43.68 25.41 -4.78
C ARG H 38 44.44 24.20 -5.30
N PRO H 39 45.76 24.31 -5.47
CA PRO H 39 46.57 23.13 -5.76
C PRO H 39 46.77 22.31 -4.49
N GLN H 40 46.77 20.99 -4.64
CA GLN H 40 46.80 20.13 -3.47
C GLN H 40 47.59 18.88 -3.74
N SER H 41 48.11 18.29 -2.66
CA SER H 41 48.85 17.05 -2.68
C SER H 41 48.15 16.00 -3.55
N GLU H 42 48.89 14.99 -4.01
CA GLU H 42 48.23 13.84 -4.60
C GLU H 42 47.43 13.07 -3.55
N SER H 43 47.83 13.17 -2.29
CA SER H 43 47.09 12.53 -1.20
C SER H 43 45.76 13.23 -0.97
N ALA H 44 45.80 14.54 -0.75
CA ALA H 44 44.57 15.28 -0.51
C ALA H 44 43.59 15.15 -1.67
N LYS H 45 44.11 15.10 -2.90
CA LYS H 45 43.23 14.95 -4.05
C LYS H 45 42.40 13.68 -3.94
N ASN H 46 43.04 12.55 -3.66
CA ASN H 46 42.30 11.30 -3.56
C ASN H 46 41.39 11.28 -2.34
N LEU H 47 41.72 12.05 -1.31
CA LEU H 47 40.84 12.15 -0.15
C LEU H 47 39.63 13.01 -0.45
N ILE H 48 39.80 14.04 -1.28
CA ILE H 48 38.67 14.89 -1.64
C ILE H 48 37.71 14.16 -2.57
N LEU H 49 38.24 13.37 -3.49
CA LEU H 49 37.41 12.51 -4.33
C LEU H 49 36.51 11.64 -3.47
N ILE H 50 37.11 10.87 -2.56
CA ILE H 50 36.36 9.97 -1.68
C ILE H 50 35.24 10.73 -0.98
N MET H 51 35.56 11.92 -0.44
CA MET H 51 34.53 12.72 0.21
C MET H 51 33.37 13.00 -0.72
N GLN H 52 33.66 13.36 -1.97
CA GLN H 52 32.60 13.60 -2.94
C GLN H 52 31.75 12.35 -3.14
N LEU H 53 32.40 11.17 -3.12
CA LEU H 53 31.66 9.92 -3.26
C LEU H 53 30.73 9.70 -2.07
N LEU H 54 31.20 9.99 -0.86
CA LEU H 54 30.34 9.87 0.32
C LEU H 54 29.17 10.84 0.25
N ILE H 55 29.44 12.10 -0.11
CA ILE H 55 28.37 13.08 -0.24
C ILE H 55 27.28 12.55 -1.16
N ASN H 56 27.68 12.01 -2.31
CA ASN H 56 26.71 11.45 -3.23
C ASN H 56 25.98 10.27 -2.60
N GLN H 57 26.68 9.45 -1.81
CA GLN H 57 26.00 8.40 -1.06
C GLN H 57 24.98 8.99 -0.11
N ILE H 58 25.32 10.10 0.56
CA ILE H 58 24.36 10.80 1.41
C ILE H 58 23.18 11.28 0.58
N ARG H 59 23.47 11.90 -0.59
CA ARG H 59 22.40 12.40 -1.44
C ARG H 59 21.42 11.29 -1.81
N LEU H 60 21.94 10.10 -2.14
CA LEU H 60 21.08 8.99 -2.50
C LEU H 60 20.34 8.45 -1.30
N LEU H 61 21.04 8.29 -0.16
CA LEU H 61 20.36 7.85 1.05
C LEU H 61 19.19 8.76 1.39
N ALA H 62 19.35 10.07 1.17
CA ALA H 62 18.31 11.02 1.53
C ALA H 62 17.09 10.83 0.63
N LEU H 63 17.30 10.77 -0.69
CA LEU H 63 16.19 10.58 -1.61
C LEU H 63 15.34 9.39 -1.21
N GLN H 64 15.98 8.33 -0.72
CA GLN H 64 15.23 7.14 -0.32
C GLN H 64 14.30 7.43 0.84
N ILE H 65 14.75 8.22 1.82
CA ILE H 65 13.85 8.67 2.87
C ILE H 65 12.70 9.47 2.26
N ARG H 66 13.01 10.29 1.25
CA ARG H 66 11.97 11.03 0.54
C ARG H 66 11.07 10.09 -0.26
N MET H 67 11.66 9.09 -0.93
CA MET H 67 10.85 8.12 -1.65
C MET H 67 10.01 7.31 -0.69
N LEU H 68 10.58 6.90 0.44
CA LEU H 68 9.81 6.22 1.47
C LEU H 68 8.69 7.11 1.98
N ALA H 69 8.98 8.40 2.18
CA ALA H 69 7.95 9.33 2.61
C ALA H 69 6.83 9.42 1.58
N LEU H 70 7.19 9.45 0.30
CA LEU H 70 6.17 9.41 -0.75
C LEU H 70 5.28 8.17 -0.61
N GLN H 71 5.91 7.01 -0.43
CA GLN H 71 5.15 5.77 -0.24
C GLN H 71 4.12 5.92 0.88
N LEU H 72 4.48 6.63 1.96
CA LEU H 72 3.72 6.54 3.19
C LEU H 72 2.37 7.25 3.07
N GLN H 73 2.35 8.46 2.52
CA GLN H 73 1.14 9.28 2.51
C GLN H 73 0.00 8.56 1.79
N ARG I 6 6.76 -12.44 19.22
CA ARG I 6 7.79 -12.24 18.21
C ARG I 6 7.55 -10.98 17.36
N ARG I 7 6.35 -10.88 16.78
CA ARG I 7 6.05 -9.78 15.87
C ARG I 7 6.18 -8.43 16.57
N LYS I 8 5.55 -8.29 17.74
CA LYS I 8 5.67 -7.05 18.50
C LYS I 8 7.07 -6.89 19.09
N GLN I 9 7.68 -7.99 19.50
CA GLN I 9 9.02 -7.93 20.08
C GLN I 9 10.04 -7.43 19.05
N GLU I 10 9.91 -7.85 17.80
CA GLU I 10 10.90 -7.50 16.79
C GLU I 10 11.02 -5.99 16.64
N MET I 11 9.90 -5.31 16.35
CA MET I 11 9.94 -3.87 16.16
C MET I 11 10.56 -3.15 17.36
N LYS I 12 10.34 -3.68 18.56
CA LYS I 12 10.99 -3.11 19.74
C LYS I 12 12.50 -3.28 19.67
N ARG I 13 12.96 -4.52 19.46
CA ARG I 13 14.37 -4.79 19.31
C ARG I 13 15.00 -3.85 18.28
N LEU I 14 14.50 -3.89 17.06
CA LEU I 14 15.11 -3.13 15.97
C LEU I 14 15.17 -1.63 16.31
N LYS I 15 14.05 -1.05 16.71
CA LYS I 15 14.07 0.34 17.13
C LYS I 15 15.06 0.54 18.27
N TYR I 16 15.00 -0.31 19.29
CA TYR I 16 15.90 -0.16 20.42
C TYR I 16 17.36 -0.37 20.01
N GLU I 17 17.62 -1.45 19.26
CA GLU I 17 18.98 -1.66 18.75
C GLU I 17 19.45 -0.41 18.00
N MET I 18 18.60 0.14 17.13
CA MET I 18 18.93 1.37 16.43
C MET I 18 19.28 2.47 17.42
N GLU I 19 18.42 2.66 18.43
CA GLU I 19 18.69 3.69 19.43
C GLU I 19 20.06 3.49 20.06
N LYS I 20 20.44 2.24 20.31
CA LYS I 20 21.75 1.96 20.88
C LYS I 20 22.86 2.47 19.98
N ILE I 21 22.75 2.21 18.68
CA ILE I 21 23.80 2.61 17.74
C ILE I 21 23.97 4.14 17.75
N ARG I 22 22.86 4.86 17.68
CA ARG I 22 22.93 6.33 17.67
C ARG I 22 23.82 6.83 18.80
N GLU I 23 23.62 6.31 20.01
CA GLU I 23 24.47 6.68 21.13
C GLU I 23 25.92 6.29 20.86
N GLU I 24 26.13 5.04 20.39
CA GLU I 24 27.48 4.61 20.06
C GLU I 24 28.10 5.52 18.99
N THR I 25 27.29 5.95 18.03
CA THR I 25 27.78 6.92 17.04
C THR I 25 28.16 8.22 17.72
N GLU I 26 27.29 8.75 18.57
CA GLU I 26 27.59 10.00 19.26
C GLU I 26 28.77 9.84 20.21
N GLU I 27 29.03 8.63 20.68
CA GLU I 27 30.21 8.39 21.50
C GLU I 27 31.48 8.65 20.70
N VAL I 28 31.53 8.15 19.46
CA VAL I 28 32.67 8.45 18.59
C VAL I 28 32.72 9.93 18.27
N LYS I 29 31.57 10.54 17.96
CA LYS I 29 31.52 11.97 17.68
C LYS I 29 32.20 12.77 18.78
N LYS I 30 31.89 12.46 20.04
CA LYS I 30 32.54 13.15 21.15
C LYS I 30 34.04 12.90 21.13
N GLU I 31 34.47 11.67 20.87
CA GLU I 31 35.89 11.37 20.79
C GLU I 31 36.56 12.21 19.70
N ILE I 32 35.90 12.35 18.54
CA ILE I 32 36.43 13.19 17.48
C ILE I 32 36.70 14.60 18.00
N GLU I 33 35.70 15.19 18.66
CA GLU I 33 35.88 16.51 19.26
C GLU I 33 37.04 16.51 20.25
N GLU I 34 37.21 15.40 20.98
CA GLU I 34 38.38 15.28 21.84
C GLU I 34 39.66 15.30 21.01
N SER I 35 39.64 14.64 19.85
CA SER I 35 40.81 14.65 18.98
C SER I 35 41.08 16.03 18.41
N LYS I 36 40.02 16.79 18.11
CA LYS I 36 40.22 18.10 17.50
C LYS I 36 40.93 19.06 18.45
N LYS I 37 40.70 18.90 19.76
CA LYS I 37 41.33 19.79 20.72
C LYS I 37 42.82 19.93 20.46
N ARG I 38 43.50 18.83 20.19
CA ARG I 38 44.92 18.87 19.87
C ARG I 38 45.12 19.37 18.45
N PRO I 39 46.32 19.83 18.11
CA PRO I 39 46.56 20.33 16.74
C PRO I 39 46.73 19.15 15.79
N GLN I 40 46.10 19.29 14.61
CA GLN I 40 46.07 18.22 13.63
C GLN I 40 46.80 18.65 12.37
N SER I 41 47.43 17.67 11.71
CA SER I 41 47.94 17.87 10.37
C SER I 41 46.77 18.12 9.41
N GLU I 42 47.10 18.52 8.19
CA GLU I 42 46.05 18.73 7.20
C GLU I 42 45.37 17.43 6.80
N SER I 43 46.12 16.32 6.84
CA SER I 43 45.51 15.02 6.56
C SER I 43 44.48 14.65 7.62
N ALA I 44 44.80 14.90 8.89
CA ALA I 44 43.85 14.61 9.96
C ALA I 44 42.60 15.48 9.82
N LYS I 45 42.78 16.78 9.58
CA LYS I 45 41.63 17.66 9.44
C LYS I 45 40.67 17.16 8.38
N ASN I 46 41.19 16.77 7.21
CA ASN I 46 40.33 16.26 6.15
C ASN I 46 39.77 14.90 6.52
N LEU I 47 40.56 14.08 7.23
CA LEU I 47 40.06 12.78 7.70
C LEU I 47 38.87 12.97 8.63
N ILE I 48 38.98 13.94 9.56
CA ILE I 48 37.88 14.21 10.47
C ILE I 48 36.67 14.69 9.69
N LEU I 49 36.88 15.49 8.64
CA LEU I 49 35.77 15.90 7.80
C LEU I 49 35.11 14.69 7.14
N ILE I 50 35.89 13.68 6.77
CA ILE I 50 35.33 12.44 6.26
C ILE I 50 34.48 11.78 7.35
N MET I 51 35.04 11.68 8.56
CA MET I 51 34.28 11.10 9.67
C MET I 51 32.93 11.78 9.83
N GLN I 52 32.91 13.12 9.73
CA GLN I 52 31.65 13.84 9.79
C GLN I 52 30.66 13.31 8.78
N LEU I 53 31.11 13.06 7.55
CA LEU I 53 30.21 12.60 6.51
C LEU I 53 29.70 11.19 6.79
N LEU I 54 30.57 10.31 7.32
CA LEU I 54 30.11 8.98 7.69
C LEU I 54 29.07 9.03 8.80
N ILE I 55 29.28 9.91 9.79
CA ILE I 55 28.31 10.04 10.87
C ILE I 55 26.98 10.54 10.33
N ASN I 56 27.02 11.48 9.39
CA ASN I 56 25.79 11.95 8.76
C ASN I 56 25.13 10.84 7.95
N GLN I 57 25.92 9.93 7.38
CA GLN I 57 25.36 8.73 6.77
C GLN I 57 24.60 7.90 7.79
N ILE I 58 25.24 7.65 8.94
CA ILE I 58 24.59 6.89 10.01
C ILE I 58 23.25 7.53 10.38
N ARG I 59 23.26 8.86 10.55
CA ARG I 59 22.04 9.56 10.93
C ARG I 59 20.89 9.24 9.98
N LEU I 60 21.16 9.29 8.67
CA LEU I 60 20.10 9.00 7.71
C LEU I 60 19.66 7.55 7.78
N LEU I 61 20.61 6.62 7.96
CA LEU I 61 20.25 5.22 8.09
C LEU I 61 19.28 5.01 9.26
N ALA I 62 19.61 5.60 10.42
CA ALA I 62 18.70 5.53 11.56
C ALA I 62 17.33 6.07 11.19
N LEU I 63 17.29 7.22 10.51
CA LEU I 63 16.02 7.74 10.00
C LEU I 63 15.31 6.70 9.14
N GLN I 64 16.03 6.16 8.14
CA GLN I 64 15.44 5.20 7.21
C GLN I 64 14.75 4.08 7.98
N ILE I 65 15.43 3.52 8.98
CA ILE I 65 14.80 2.54 9.85
C ILE I 65 13.51 3.12 10.42
N ARG I 66 13.61 4.29 11.06
CA ARG I 66 12.44 4.90 11.68
C ARG I 66 11.31 5.08 10.67
N MET I 67 11.59 5.77 9.56
CA MET I 67 10.55 5.98 8.55
C MET I 67 9.98 4.66 8.06
N LEU I 68 10.83 3.66 7.87
CA LEU I 68 10.37 2.33 7.46
C LEU I 68 9.63 1.65 8.59
N ARG J 6 8.23 -20.16 -1.31
CA ARG J 6 9.16 -19.37 -2.12
C ARG J 6 9.49 -18.07 -1.40
N ARG J 7 8.45 -17.28 -1.11
CA ARG J 7 8.66 -16.03 -0.39
C ARG J 7 9.31 -16.28 0.97
N LYS J 8 8.74 -17.20 1.76
CA LYS J 8 9.31 -17.50 3.07
C LYS J 8 10.70 -18.11 2.93
N GLN J 9 10.90 -18.96 1.93
CA GLN J 9 12.21 -19.60 1.74
C GLN J 9 13.29 -18.56 1.50
N GLU J 10 13.09 -17.67 0.53
CA GLU J 10 14.08 -16.65 0.23
C GLU J 10 14.39 -15.81 1.45
N MET J 11 13.35 -15.30 2.13
CA MET J 11 13.57 -14.43 3.28
C MET J 11 14.49 -15.08 4.31
N LYS J 12 14.16 -16.31 4.72
CA LYS J 12 14.98 -16.98 5.73
C LYS J 12 16.41 -17.16 5.24
N ARG J 13 16.59 -17.54 3.97
CA ARG J 13 17.93 -17.74 3.43
C ARG J 13 18.73 -16.45 3.46
N LEU J 14 18.12 -15.34 3.00
CA LEU J 14 18.77 -14.04 3.08
C LEU J 14 19.15 -13.71 4.52
N LYS J 15 18.17 -13.78 5.43
CA LYS J 15 18.44 -13.51 6.83
C LYS J 15 19.60 -14.38 7.33
N TYR J 16 19.64 -15.64 6.93
CA TYR J 16 20.72 -16.53 7.34
C TYR J 16 22.06 -16.01 6.84
N GLU J 17 22.19 -15.84 5.52
CA GLU J 17 23.45 -15.37 4.95
C GLU J 17 23.78 -13.95 5.43
N MET J 18 22.76 -13.13 5.67
CA MET J 18 23.01 -11.80 6.21
C MET J 18 23.66 -11.90 7.59
N GLU J 19 23.11 -12.76 8.45
CA GLU J 19 23.72 -12.95 9.77
C GLU J 19 25.14 -13.46 9.65
N LYS J 20 25.45 -14.21 8.60
CA LYS J 20 26.83 -14.60 8.35
C LYS J 20 27.70 -13.38 8.11
N ILE J 21 27.24 -12.46 7.28
CA ILE J 21 27.95 -11.19 7.10
C ILE J 21 28.07 -10.46 8.42
N ARG J 22 27.10 -10.64 9.32
CA ARG J 22 27.16 -10.01 10.62
C ARG J 22 28.33 -10.54 11.45
N GLU J 23 28.60 -11.85 11.33
CA GLU J 23 29.65 -12.46 12.14
C GLU J 23 31.02 -11.93 11.77
N GLU J 24 31.32 -11.88 10.46
CA GLU J 24 32.64 -11.43 10.01
C GLU J 24 33.00 -10.09 10.63
N THR J 25 32.05 -9.16 10.68
CA THR J 25 32.30 -7.85 11.26
C THR J 25 32.64 -7.95 12.74
N GLU J 26 31.75 -8.58 13.52
CA GLU J 26 31.95 -8.67 14.96
C GLU J 26 33.36 -9.15 15.30
N GLU J 27 33.86 -10.15 14.56
CA GLU J 27 35.24 -10.57 14.74
C GLU J 27 36.20 -9.45 14.37
N VAL J 28 35.91 -8.73 13.28
CA VAL J 28 36.72 -7.59 12.90
C VAL J 28 36.63 -6.50 13.97
N LYS J 29 35.41 -6.20 14.42
CA LYS J 29 35.22 -5.19 15.46
C LYS J 29 36.15 -5.44 16.64
N LYS J 30 36.06 -6.64 17.23
CA LYS J 30 36.94 -6.99 18.34
C LYS J 30 38.40 -6.78 17.96
N GLU J 31 38.79 -7.21 16.76
CA GLU J 31 40.15 -6.97 16.29
C GLU J 31 40.47 -5.48 16.31
N ILE J 32 39.52 -4.63 15.88
CA ILE J 32 39.72 -3.19 15.95
C ILE J 32 39.90 -2.76 17.40
N GLU J 33 38.97 -3.14 18.26
CA GLU J 33 39.11 -2.79 19.68
C GLU J 33 40.43 -3.32 20.23
N GLU J 34 40.77 -4.57 19.91
CA GLU J 34 42.08 -5.10 20.28
C GLU J 34 43.18 -4.20 19.75
N SER J 35 43.12 -3.86 18.47
CA SER J 35 44.06 -2.90 17.90
C SER J 35 43.99 -1.57 18.64
N LYS J 36 42.80 -1.22 19.15
CA LYS J 36 42.59 0.13 19.67
C LYS J 36 43.29 0.35 21.01
N LYS J 37 43.23 -0.64 21.92
CA LYS J 37 43.58 -0.41 23.31
C LYS J 37 44.98 0.18 23.46
N ARG J 38 45.96 -0.38 22.76
CA ARG J 38 47.34 0.05 22.88
C ARG J 38 47.47 1.50 22.42
N PRO J 39 48.65 2.11 22.55
CA PRO J 39 48.81 3.48 22.03
C PRO J 39 48.93 3.45 20.52
N GLN J 40 48.28 4.40 19.87
CA GLN J 40 48.28 4.48 18.42
C GLN J 40 48.43 5.93 18.00
N SER J 41 48.92 6.12 16.78
CA SER J 41 49.12 7.44 16.22
C SER J 41 47.78 8.08 15.85
N GLU J 42 47.83 9.40 15.62
CA GLU J 42 46.62 10.10 15.18
C GLU J 42 46.01 9.42 13.97
N SER J 43 46.85 9.02 13.01
CA SER J 43 46.41 8.24 11.87
C SER J 43 45.65 7.00 12.37
N ALA J 44 46.37 6.05 12.97
CA ALA J 44 45.75 4.81 13.40
C ALA J 44 44.49 5.06 14.21
N LYS J 45 44.58 5.91 15.23
CA LYS J 45 43.41 6.24 16.04
C LYS J 45 42.24 6.68 15.16
N ASN J 46 42.52 7.63 14.26
CA ASN J 46 41.45 8.18 13.42
C ASN J 46 40.94 7.14 12.42
N LEU J 47 41.80 6.23 11.97
CA LEU J 47 41.31 5.11 11.19
C LEU J 47 40.37 4.24 12.00
N ILE J 48 40.72 3.97 13.26
CA ILE J 48 39.87 3.17 14.13
C ILE J 48 38.50 3.83 14.26
N LEU J 49 38.47 5.14 14.49
CA LEU J 49 37.19 5.85 14.59
C LEU J 49 36.36 5.66 13.33
N ILE J 50 36.97 5.84 12.15
CA ILE J 50 36.26 5.61 10.91
C ILE J 50 35.73 4.17 10.86
N MET J 51 36.62 3.21 11.05
CA MET J 51 36.24 1.81 10.93
C MET J 51 35.05 1.49 11.82
N GLN J 52 35.05 2.00 13.04
CA GLN J 52 33.93 1.79 13.95
C GLN J 52 32.64 2.37 13.36
N LEU J 53 32.74 3.57 12.77
CA LEU J 53 31.57 4.16 12.13
C LEU J 53 31.04 3.28 11.00
N LEU J 54 31.94 2.74 10.17
CA LEU J 54 31.53 1.79 9.15
C LEU J 54 30.86 0.58 9.78
N ILE J 55 31.40 0.10 10.89
CA ILE J 55 30.78 -1.03 11.59
C ILE J 55 29.41 -0.62 12.11
N ASN J 56 29.29 0.61 12.62
CA ASN J 56 27.97 1.13 12.99
C ASN J 56 27.03 1.08 11.80
N GLN J 57 27.45 1.64 10.67
CA GLN J 57 26.63 1.59 9.46
C GLN J 57 26.27 0.15 9.09
N ILE J 58 27.25 -0.74 9.17
CA ILE J 58 27.00 -2.15 8.91
C ILE J 58 25.85 -2.64 9.78
N ARG J 59 25.93 -2.36 11.09
CA ARG J 59 24.89 -2.82 12.00
C ARG J 59 23.52 -2.36 11.56
N LEU J 60 23.40 -1.09 11.16
CA LEU J 60 22.09 -0.55 10.80
C LEU J 60 21.52 -1.28 9.59
N LEU J 61 22.28 -1.33 8.49
CA LEU J 61 21.78 -1.97 7.26
C LEU J 61 21.21 -3.35 7.54
N ALA J 62 21.77 -4.07 8.53
CA ALA J 62 21.22 -5.36 8.91
C ALA J 62 19.86 -5.22 9.56
N LEU J 63 19.63 -4.14 10.32
CA LEU J 63 18.33 -3.94 10.95
C LEU J 63 17.24 -3.68 9.92
N GLN J 64 17.57 -2.95 8.85
CA GLN J 64 16.59 -2.72 7.78
C GLN J 64 16.21 -4.02 7.10
N ILE J 65 17.20 -4.88 6.82
CA ILE J 65 16.90 -6.21 6.27
C ILE J 65 15.90 -6.93 7.16
N ARG J 66 16.18 -6.98 8.46
CA ARG J 66 15.23 -7.54 9.41
C ARG J 66 13.86 -6.91 9.23
N MET J 67 13.76 -5.59 9.43
CA MET J 67 12.49 -4.91 9.25
C MET J 67 11.91 -5.18 7.87
N LEU J 68 12.75 -5.15 6.83
CA LEU J 68 12.30 -5.54 5.50
C LEU J 68 11.73 -6.96 5.52
N ALA J 69 12.33 -7.84 6.34
CA ALA J 69 11.78 -9.18 6.48
C ALA J 69 10.38 -9.13 7.09
N LEU J 70 10.22 -8.33 8.14
CA LEU J 70 8.92 -8.16 8.78
C LEU J 70 7.93 -7.51 7.82
#